data_1F66
#
_entry.id   1F66
#
_cell.length_a   105.660
_cell.length_b   183.207
_cell.length_c   109.922
_cell.angle_alpha   90.00
_cell.angle_beta   90.00
_cell.angle_gamma   90.00
#
_symmetry.space_group_name_H-M   'P 21 21 21'
#
loop_
_entity.id
_entity.type
_entity.pdbx_description
1 polymer 'PALINDROMIC 146 BASE PAIR DNA FRAGMENT'
2 polymer 'HISTONE H3'
3 polymer 'HISTONE H4'
4 polymer 'HISTONE H2A.Z'
5 polymer 'HISTONE H2B'
6 non-polymer 'MANGANESE (II) ION'
7 water water
#
loop_
_entity_poly.entity_id
_entity_poly.type
_entity_poly.pdbx_seq_one_letter_code
_entity_poly.pdbx_strand_id
1 'polydeoxyribonucleotide'
;(DA)(DT)(DC)(DA)(DA)(DT)(DA)(DT)(DC)(DC)(DA)(DC)(DC)(DT)(DG)(DC)(DA)(DG)(DA)(DT)
(DT)(DC)(DT)(DA)(DC)(DC)(DA)(DA)(DA)(DA)(DG)(DT)(DG)(DT)(DA)(DT)(DT)(DT)(DG)(DG)
(DA)(DA)(DA)(DC)(DT)(DG)(DC)(DT)(DC)(DC)(DA)(DT)(DC)(DA)(DA)(DA)(DA)(DG)(DG)(DC)
(DA)(DT)(DG)(DT)(DT)(DC)(DA)(DG)(DC)(DG)(DG)(DA)(DA)(DT)(DT)(DC)(DC)(DG)(DC)(DT)
(DG)(DA)(DA)(DC)(DA)(DT)(DG)(DC)(DC)(DT)(DT)(DT)(DT)(DG)(DA)(DT)(DG)(DG)(DA)(DG)
(DC)(DA)(DG)(DT)(DT)(DT)(DC)(DC)(DA)(DA)(DA)(DT)(DA)(DC)(DA)(DC)(DT)(DT)(DT)(DT)
(DG)(DG)(DT)(DA)(DG)(DA)(DA)(DT)(DC)(DT)(DG)(DC)(DA)(DG)(DG)(DT)(DG)(DG)(DA)(DT)
(DA)(DT)(DT)(DG)(DA)(DT)
;
I,J
2 'polypeptide(L)'
;MARTKQTARKSTGGKAPRKQLATKAARKSAPATGEVKKPHRYRPGTVALREIRRYQKSTELLIRKLPFQRLVREIAQDFK
TDLRFQSSAVMALQEASEAYLVALFEDTNLCAIHAKRVTIMPKDIQLARRIRGERA
;
A,E
3 'polypeptide(L)'
;MSGRGKGGKGLGKGGAKRHRKVLRDNIQGITKPAIRRLARRGGVKRISGLIYEETRGVLKVFLENVIRDAVTYTEHAKRK
TVTAMDVVYALKRQGRTLYGFGG
;
B,F
4 'polypeptide(L)'
;MAGGKAGKDSGKAKTKAVSRSQRAGLQFPVGRIHRHLKSRTTSHGRVGATAAVYSAAILEYLTAEVLELAGNASKDLKVK
RITPRHLQLAIRGDEELDSLIKATIAGGGVIPHIHKSLIGKKGQQKTV
;
C,G
5 'polypeptide(L)'
;MPEPAKSAPAPKKGSKKAVTKTQKKDGKKRRKTRKESYAIYVYKVLKQVHPDTGISSKAMSIMNSFVNDVFERIAGEASR
LAHYNKRSTITSREIQTAVRLLLPGELAKHAVSEGTKAVTKYTSAK
;
D,H
#
loop_
_chem_comp.id
_chem_comp.type
_chem_comp.name
_chem_comp.formula
DA DNA linking 2'-DEOXYADENOSINE-5'-MONOPHOSPHATE 'C10 H14 N5 O6 P'
DC DNA linking 2'-DEOXYCYTIDINE-5'-MONOPHOSPHATE 'C9 H14 N3 O7 P'
DG DNA linking 2'-DEOXYGUANOSINE-5'-MONOPHOSPHATE 'C10 H14 N5 O7 P'
DT DNA linking THYMIDINE-5'-MONOPHOSPHATE 'C10 H15 N2 O8 P'
MN non-polymer 'MANGANESE (II) ION' 'Mn 2'
#
# COMPACT_ATOMS: atom_id res chain seq x y z
N LYS C 37 -42.10 36.41 19.72
CA LYS C 37 -41.22 37.42 20.36
C LYS C 37 -39.98 37.67 19.47
N LYS C 38 -38.79 37.50 20.05
CA LYS C 38 -37.51 37.67 19.35
C LYS C 38 -37.45 36.87 18.03
N PRO C 39 -37.64 37.55 16.88
CA PRO C 39 -37.58 36.74 15.67
C PRO C 39 -36.25 36.82 14.89
N HIS C 40 -35.24 36.06 15.30
CA HIS C 40 -33.97 36.06 14.56
C HIS C 40 -33.56 34.68 14.11
N ARG C 41 -33.41 34.51 12.80
CA ARG C 41 -33.03 33.22 12.23
C ARG C 41 -31.99 33.32 11.14
N TYR C 42 -30.93 32.53 11.29
CA TYR C 42 -29.88 32.50 10.30
C TYR C 42 -30.36 31.74 9.06
N ARG C 43 -29.88 32.12 7.90
CA ARG C 43 -30.30 31.41 6.68
C ARG C 43 -29.64 30.00 6.60
N PRO C 44 -30.41 29.00 6.13
CA PRO C 44 -29.91 27.63 6.00
C PRO C 44 -28.57 27.70 5.32
N GLY C 45 -27.54 27.12 5.95
CA GLY C 45 -26.20 27.14 5.38
C GLY C 45 -25.18 28.11 6.01
N THR C 46 -25.67 29.09 6.76
CA THR C 46 -24.78 30.03 7.41
C THR C 46 -24.15 29.46 8.67
N VAL C 47 -24.93 28.79 9.52
CA VAL C 47 -24.40 28.17 10.72
C VAL C 47 -23.49 27.02 10.27
N ALA C 48 -23.95 26.29 9.28
CA ALA C 48 -23.17 25.19 8.74
C ALA C 48 -21.75 25.70 8.35
N LEU C 49 -21.63 26.82 7.64
CA LEU C 49 -20.28 27.28 7.32
C LEU C 49 -19.52 27.67 8.55
N ARG C 50 -20.22 28.14 9.55
CA ARG C 50 -19.52 28.55 10.75
C ARG C 50 -18.93 27.30 11.45
N GLU C 51 -19.71 26.21 11.44
CA GLU C 51 -19.30 24.95 12.03
C GLU C 51 -18.04 24.41 11.30
N ILE C 52 -18.07 24.39 9.97
CA ILE C 52 -16.92 23.94 9.23
C ILE C 52 -15.69 24.70 9.70
N ARG C 53 -15.82 26.01 9.86
CA ARG C 53 -14.66 26.75 10.27
C ARG C 53 -14.21 26.40 11.67
N ARG C 54 -15.16 26.32 12.58
CA ARG C 54 -14.79 26.01 13.92
C ARG C 54 -14.11 24.62 14.01
N TYR C 55 -14.74 23.61 13.42
CA TYR C 55 -14.18 22.28 13.49
C TYR C 55 -12.88 22.01 12.71
N GLN C 56 -12.54 22.82 11.73
CA GLN C 56 -11.30 22.62 11.00
C GLN C 56 -10.21 23.37 11.68
N LYS C 57 -10.60 24.19 12.64
CA LYS C 57 -9.64 24.98 13.38
C LYS C 57 -9.13 24.14 14.52
N SER C 58 -10.02 23.35 15.10
CA SER C 58 -9.70 22.55 16.26
C SER C 58 -9.15 21.14 16.00
N THR C 59 -8.63 20.49 17.05
CA THR C 59 -8.12 19.15 16.91
C THR C 59 -8.72 18.11 17.83
N GLU C 60 -9.59 18.51 18.74
CA GLU C 60 -10.15 17.51 19.65
C GLU C 60 -10.91 16.39 18.97
N LEU C 61 -11.18 15.34 19.73
CA LEU C 61 -11.98 14.23 19.23
C LEU C 61 -13.43 14.71 19.10
N LEU C 62 -14.22 14.08 18.25
CA LEU C 62 -15.55 14.56 18.08
C LEU C 62 -16.61 13.54 18.38
N ILE C 63 -16.23 12.30 18.58
CA ILE C 63 -17.25 11.31 18.93
C ILE C 63 -17.18 11.29 20.46
N ARG C 64 -18.30 11.25 21.17
CA ARG C 64 -18.19 11.22 22.65
C ARG C 64 -17.48 9.94 23.07
N LYS C 65 -16.65 9.99 24.10
CA LYS C 65 -15.86 8.81 24.49
C LYS C 65 -16.45 7.48 24.96
N LEU C 66 -17.35 7.51 25.95
CA LEU C 66 -17.89 6.28 26.48
C LEU C 66 -18.61 5.50 25.40
N PRO C 67 -19.43 6.17 24.60
CA PRO C 67 -20.17 5.50 23.52
C PRO C 67 -19.20 4.78 22.57
N PHE C 68 -18.09 5.43 22.24
CA PHE C 68 -17.14 4.83 21.36
C PHE C 68 -16.46 3.63 22.04
N GLN C 69 -16.13 3.77 23.32
CA GLN C 69 -15.49 2.71 24.11
C GLN C 69 -16.40 1.49 24.15
N ARG C 70 -17.68 1.75 24.36
CA ARG C 70 -18.64 0.65 24.38
C ARG C 70 -18.69 -0.07 23.03
N LEU C 71 -18.69 0.70 21.94
CA LEU C 71 -18.75 0.11 20.61
C LEU C 71 -17.53 -0.78 20.34
N VAL C 72 -16.37 -0.27 20.71
CA VAL C 72 -15.15 -1.01 20.53
C VAL C 72 -15.20 -2.34 21.27
N ARG C 73 -15.59 -2.29 22.55
CA ARG C 73 -15.63 -3.50 23.39
C ARG C 73 -16.59 -4.54 22.91
N GLU C 74 -17.71 -4.08 22.34
CA GLU C 74 -18.72 -4.98 21.82
C GLU C 74 -18.20 -5.66 20.56
N ILE C 75 -17.59 -4.89 19.64
CA ILE C 75 -17.04 -5.48 18.43
C ILE C 75 -15.96 -6.50 18.83
N ALA C 76 -15.09 -6.16 19.79
CA ALA C 76 -14.05 -7.08 20.23
C ALA C 76 -14.54 -8.41 20.83
N GLN C 77 -15.65 -8.32 21.59
CA GLN C 77 -16.28 -9.45 22.26
C GLN C 77 -16.58 -10.55 21.25
N ASP C 78 -16.89 -10.23 19.99
CA ASP C 78 -17.10 -11.34 19.04
C ASP C 78 -15.80 -12.01 18.62
N PHE C 79 -14.63 -11.45 18.93
CA PHE C 79 -13.38 -12.11 18.54
C PHE C 79 -12.73 -12.80 19.74
N LYS C 80 -13.09 -12.40 20.94
CA LYS C 80 -12.53 -13.02 22.12
C LYS C 80 -13.22 -12.44 23.31
N THR C 81 -13.59 -13.31 24.27
CA THR C 81 -14.30 -12.86 25.45
C THR C 81 -13.37 -12.51 26.61
N ASP C 82 -13.94 -11.84 27.60
CA ASP C 82 -13.23 -11.38 28.81
C ASP C 82 -12.02 -10.55 28.43
N LEU C 83 -12.19 -9.61 27.52
CA LEU C 83 -11.03 -8.81 27.16
C LEU C 83 -10.99 -7.46 27.90
N ARG C 84 -9.80 -7.01 28.24
CA ARG C 84 -9.66 -5.71 28.87
C ARG C 84 -8.90 -4.84 27.85
N PHE C 85 -8.90 -3.52 28.04
CA PHE C 85 -8.24 -2.62 27.10
C PHE C 85 -7.33 -1.56 27.72
N GLN C 86 -6.06 -1.43 27.32
CA GLN C 86 -5.32 -0.29 27.87
C GLN C 86 -6.11 0.96 27.43
N SER C 87 -6.00 2.01 28.22
CA SER C 87 -6.69 3.23 27.92
C SER C 87 -6.09 3.84 26.62
N SER C 88 -4.77 3.79 26.52
CA SER C 88 -4.12 4.33 25.33
C SER C 88 -4.56 3.57 24.05
N ALA C 89 -4.97 2.30 24.19
CA ALA C 89 -5.44 1.51 23.06
C ALA C 89 -6.78 2.00 22.55
N VAL C 90 -7.73 2.25 23.46
CA VAL C 90 -9.02 2.73 23.01
C VAL C 90 -8.79 4.10 22.36
N MET C 91 -7.92 4.92 22.94
CA MET C 91 -7.65 6.23 22.36
C MET C 91 -7.04 6.18 20.97
N ALA C 92 -6.16 5.21 20.72
CA ALA C 92 -5.53 5.11 19.43
C ALA C 92 -6.61 4.69 18.44
N LEU C 93 -7.48 3.78 18.84
CA LEU C 93 -8.53 3.38 17.96
C LEU C 93 -9.43 4.59 17.62
N GLN C 94 -9.69 5.49 18.59
CA GLN C 94 -10.56 6.58 18.30
C GLN C 94 -9.88 7.60 17.39
N GLU C 95 -8.61 7.87 17.62
CA GLU C 95 -7.86 8.76 16.74
C GLU C 95 -7.82 8.21 15.32
N ALA C 96 -7.60 6.90 15.13
CA ALA C 96 -7.53 6.35 13.78
C ALA C 96 -8.88 6.41 13.06
N SER C 97 -9.96 6.12 13.80
CA SER C 97 -11.31 6.12 13.22
C SER C 97 -11.75 7.49 12.79
N GLU C 98 -11.51 8.47 13.63
CA GLU C 98 -11.94 9.81 13.29
C GLU C 98 -11.10 10.35 12.13
N ALA C 99 -9.81 10.04 12.07
CA ALA C 99 -9.03 10.52 10.93
C ALA C 99 -9.54 9.83 9.64
N TYR C 100 -9.96 8.57 9.77
CA TYR C 100 -10.45 7.85 8.64
C TYR C 100 -11.77 8.42 8.17
N LEU C 101 -12.74 8.66 9.09
CA LEU C 101 -14.05 9.14 8.66
C LEU C 101 -14.00 10.55 8.16
N VAL C 102 -13.12 11.36 8.75
CA VAL C 102 -13.02 12.73 8.28
C VAL C 102 -12.49 12.71 6.83
N ALA C 103 -11.43 11.95 6.58
CA ALA C 103 -10.86 11.86 5.24
C ALA C 103 -11.89 11.24 4.28
N LEU C 104 -12.72 10.31 4.77
CA LEU C 104 -13.73 9.75 3.87
C LEU C 104 -14.78 10.84 3.55
N PHE C 105 -15.05 11.75 4.49
CA PHE C 105 -16.03 12.79 4.19
C PHE C 105 -15.44 13.77 3.17
N GLU C 106 -14.14 14.02 3.20
CA GLU C 106 -13.55 14.89 2.18
C GLU C 106 -13.77 14.27 0.77
N ASP C 107 -13.47 12.98 0.57
CA ASP C 107 -13.68 12.40 -0.76
C ASP C 107 -15.15 12.33 -1.10
N THR C 108 -15.97 12.17 -0.09
CA THR C 108 -17.39 12.07 -0.36
C THR C 108 -17.95 13.39 -0.91
N ASN C 109 -17.47 14.47 -0.32
CA ASN C 109 -17.86 15.81 -0.70
C ASN C 109 -17.44 16.07 -2.13
N LEU C 110 -16.24 15.61 -2.51
CA LEU C 110 -15.74 15.75 -3.87
C LEU C 110 -16.65 15.02 -4.84
N CYS C 111 -17.22 13.90 -4.42
CA CYS C 111 -18.12 13.20 -5.31
C CYS C 111 -19.46 13.92 -5.46
N ALA C 112 -19.97 14.49 -4.37
CA ALA C 112 -21.22 15.24 -4.43
C ALA C 112 -20.97 16.49 -5.34
N ILE C 113 -19.89 17.21 -5.08
CA ILE C 113 -19.61 18.36 -5.92
C ILE C 113 -19.40 17.96 -7.37
N HIS C 114 -18.82 16.80 -7.64
CA HIS C 114 -18.61 16.38 -9.02
C HIS C 114 -19.99 16.26 -9.68
N ALA C 115 -20.98 15.78 -8.91
CA ALA C 115 -22.32 15.62 -9.46
C ALA C 115 -23.11 16.92 -9.36
N LYS C 116 -22.42 18.03 -9.18
CA LYS C 116 -23.10 19.32 -9.07
C LYS C 116 -24.10 19.45 -7.87
N ARG C 117 -23.86 18.76 -6.76
CA ARG C 117 -24.73 18.94 -5.59
C ARG C 117 -23.84 19.55 -4.51
N VAL C 118 -24.40 19.88 -3.35
CA VAL C 118 -23.65 20.41 -2.20
C VAL C 118 -24.03 19.58 -0.99
N THR C 119 -24.87 18.57 -1.19
CA THR C 119 -25.39 17.69 -0.16
C THR C 119 -24.79 16.32 -0.38
N ILE C 120 -24.07 15.75 0.59
CA ILE C 120 -23.50 14.41 0.40
C ILE C 120 -24.58 13.33 0.56
N MET C 121 -24.53 12.29 -0.25
CA MET C 121 -25.53 11.26 -0.13
C MET C 121 -24.84 9.91 -0.03
N PRO C 122 -25.56 8.87 0.36
CA PRO C 122 -24.91 7.55 0.45
C PRO C 122 -24.21 7.11 -0.84
N LYS C 123 -24.75 7.47 -2.01
CA LYS C 123 -24.07 7.05 -3.23
C LYS C 123 -22.69 7.73 -3.37
N ASP C 124 -22.52 8.91 -2.77
CA ASP C 124 -21.22 9.53 -2.83
C ASP C 124 -20.22 8.79 -1.94
N ILE C 125 -20.65 8.30 -0.77
CA ILE C 125 -19.77 7.57 0.14
C ILE C 125 -19.40 6.26 -0.55
N GLN C 126 -20.36 5.71 -1.25
CA GLN C 126 -20.20 4.45 -1.95
C GLN C 126 -19.22 4.59 -3.12
N LEU C 127 -19.38 5.61 -3.94
CA LEU C 127 -18.48 5.87 -5.05
C LEU C 127 -17.06 6.09 -4.52
N ALA C 128 -16.95 6.84 -3.44
CA ALA C 128 -15.66 7.10 -2.85
C ALA C 128 -14.99 5.80 -2.30
N ARG C 129 -15.75 4.91 -1.64
CA ARG C 129 -15.14 3.68 -1.12
C ARG C 129 -14.81 2.71 -2.23
N ARG C 130 -15.64 2.75 -3.26
CA ARG C 130 -15.43 1.87 -4.39
C ARG C 130 -14.09 2.26 -5.05
N ILE C 131 -13.84 3.53 -5.26
CA ILE C 131 -12.62 3.89 -5.93
C ILE C 131 -11.44 3.67 -5.06
N ARG C 132 -11.61 3.78 -3.74
CA ARG C 132 -10.48 3.58 -2.82
C ARG C 132 -10.08 2.14 -2.73
N GLY C 133 -10.89 1.25 -3.27
CA GLY C 133 -10.58 -0.14 -3.18
C GLY C 133 -11.08 -0.82 -1.91
N GLU C 134 -11.88 -0.14 -1.10
CA GLU C 134 -12.38 -0.74 0.13
C GLU C 134 -13.60 -1.62 -0.08
N ARG C 135 -14.32 -1.34 -1.15
CA ARG C 135 -15.60 -2.01 -1.46
C ARG C 135 -16.45 -2.53 -0.29
N ALA C 136 -17.68 -2.00 -0.27
CA ALA C 136 -18.73 -2.26 0.70
C ALA C 136 -19.74 -1.09 0.61
N ARG D 24 -31.28 0.89 23.32
CA ARG D 24 -30.28 1.67 22.53
C ARG D 24 -29.05 0.84 22.19
N ASP D 25 -28.90 0.47 20.92
CA ASP D 25 -27.75 -0.28 20.42
C ASP D 25 -26.45 0.59 20.47
N ASN D 26 -25.31 -0.03 20.78
CA ASN D 26 -24.05 0.71 20.88
C ASN D 26 -23.69 1.58 19.67
N ILE D 27 -23.84 1.00 18.46
CA ILE D 27 -23.48 1.71 17.24
C ILE D 27 -24.26 3.02 17.08
N GLN D 28 -25.40 3.11 17.76
CA GLN D 28 -26.27 4.31 17.73
C GLN D 28 -25.78 5.32 18.78
N GLY D 29 -24.72 4.94 19.48
CA GLY D 29 -24.11 5.83 20.45
C GLY D 29 -23.29 6.79 19.58
N ILE D 30 -22.98 6.37 18.35
CA ILE D 30 -22.33 7.27 17.44
C ILE D 30 -23.57 7.98 16.87
N THR D 31 -23.80 9.18 17.36
CA THR D 31 -24.98 10.00 17.08
C THR D 31 -24.88 10.94 15.90
N LYS D 32 -26.03 11.40 15.40
CA LYS D 32 -26.05 12.35 14.27
C LYS D 32 -25.11 13.51 14.59
N PRO D 33 -25.30 14.16 15.73
CA PRO D 33 -24.42 15.28 16.05
C PRO D 33 -22.94 14.94 15.96
N ALA D 34 -22.51 13.76 16.43
CA ALA D 34 -21.09 13.46 16.31
C ALA D 34 -20.73 13.25 14.82
N ILE D 35 -21.58 12.50 14.11
CA ILE D 35 -21.34 12.28 12.68
C ILE D 35 -21.34 13.65 11.94
N ARG D 36 -22.18 14.54 12.39
CA ARG D 36 -22.24 15.82 11.74
C ARG D 36 -20.94 16.61 12.02
N ARG D 37 -20.38 16.47 13.20
CA ARG D 37 -19.16 17.20 13.47
C ARG D 37 -17.99 16.64 12.60
N LEU D 38 -17.94 15.32 12.40
CA LEU D 38 -16.86 14.71 11.61
C LEU D 38 -16.95 15.24 10.16
N ALA D 39 -18.17 15.25 9.61
CA ALA D 39 -18.37 15.78 8.28
C ALA D 39 -17.91 17.26 8.17
N ARG D 40 -18.21 18.07 9.17
CA ARG D 40 -17.82 19.47 9.11
C ARG D 40 -16.32 19.58 9.08
N ARG D 41 -15.63 18.77 9.89
CA ARG D 41 -14.19 18.87 9.85
C ARG D 41 -13.77 18.42 8.43
N GLY D 42 -14.61 17.62 7.79
CA GLY D 42 -14.36 17.16 6.44
C GLY D 42 -14.79 18.15 5.36
N GLY D 43 -15.11 19.36 5.81
CA GLY D 43 -15.54 20.45 4.93
C GLY D 43 -16.91 20.26 4.27
N VAL D 44 -17.76 19.39 4.81
CA VAL D 44 -19.08 19.10 4.22
C VAL D 44 -20.13 20.09 4.70
N LYS D 45 -20.92 20.58 3.75
CA LYS D 45 -21.88 21.64 4.00
C LYS D 45 -23.32 21.31 4.28
N ARG D 46 -23.88 20.35 3.57
CA ARG D 46 -25.27 19.93 3.74
C ARG D 46 -25.30 18.37 3.72
N ILE D 47 -26.02 17.74 4.65
CA ILE D 47 -26.05 16.27 4.80
C ILE D 47 -27.40 15.57 4.59
N SER D 48 -27.47 14.58 3.72
CA SER D 48 -28.72 13.92 3.51
C SER D 48 -29.04 13.13 4.74
N GLY D 49 -30.31 12.86 4.94
CA GLY D 49 -30.72 12.13 6.12
C GLY D 49 -30.25 10.71 6.16
N LEU D 50 -30.06 10.06 5.00
CA LEU D 50 -29.60 8.68 5.00
C LEU D 50 -28.11 8.49 5.35
N ILE D 51 -27.33 9.57 5.30
CA ILE D 51 -25.92 9.52 5.62
C ILE D 51 -25.62 8.91 6.99
N TYR D 52 -26.47 9.18 7.99
CA TYR D 52 -26.13 8.66 9.33
C TYR D 52 -26.06 7.14 9.43
N GLU D 53 -27.01 6.43 8.89
CA GLU D 53 -26.88 4.98 8.98
C GLU D 53 -25.66 4.52 8.16
N GLU D 54 -25.49 5.05 6.96
CA GLU D 54 -24.34 4.66 6.14
C GLU D 54 -22.99 4.89 6.86
N THR D 55 -22.80 6.04 7.49
CA THR D 55 -21.55 6.29 8.19
C THR D 55 -21.35 5.24 9.24
N ARG D 56 -22.42 4.86 9.94
CA ARG D 56 -22.30 3.83 11.01
C ARG D 56 -21.84 2.47 10.48
N GLY D 57 -22.38 2.06 9.35
CA GLY D 57 -21.97 0.81 8.77
C GLY D 57 -20.49 0.92 8.42
N VAL D 58 -20.11 2.00 7.78
CA VAL D 58 -18.72 2.16 7.44
C VAL D 58 -17.78 2.11 8.67
N LEU D 59 -18.17 2.75 9.76
CA LEU D 59 -17.33 2.72 10.94
C LEU D 59 -17.28 1.32 11.54
N LYS D 60 -18.41 0.63 11.52
CA LYS D 60 -18.42 -0.72 12.06
C LYS D 60 -17.41 -1.59 11.31
N VAL D 61 -17.43 -1.55 9.96
CA VAL D 61 -16.49 -2.33 9.16
C VAL D 61 -14.99 -1.95 9.42
N PHE D 62 -14.70 -0.66 9.45
CA PHE D 62 -13.37 -0.19 9.76
C PHE D 62 -12.97 -0.75 11.14
N LEU D 63 -13.83 -0.60 12.14
CA LEU D 63 -13.44 -1.06 13.48
C LEU D 63 -13.31 -2.58 13.55
N GLU D 64 -14.12 -3.32 12.78
CA GLU D 64 -14.01 -4.78 12.79
C GLU D 64 -12.67 -5.16 12.19
N ASN D 65 -12.31 -4.54 11.05
CA ASN D 65 -11.03 -4.90 10.46
C ASN D 65 -9.88 -4.61 11.36
N VAL D 66 -9.90 -3.50 12.09
CA VAL D 66 -8.78 -3.21 12.94
C VAL D 66 -8.77 -3.97 14.23
N ILE D 67 -9.92 -4.11 14.89
CA ILE D 67 -9.91 -4.85 16.15
C ILE D 67 -9.53 -6.32 15.97
N ARG D 68 -10.04 -6.91 14.91
CA ARG D 68 -9.73 -8.27 14.58
C ARG D 68 -8.23 -8.43 14.54
N ASP D 69 -7.51 -7.55 13.84
CA ASP D 69 -6.05 -7.69 13.81
C ASP D 69 -5.43 -7.40 15.21
N ALA D 70 -5.91 -6.39 15.95
CA ALA D 70 -5.34 -6.08 17.30
C ALA D 70 -5.46 -7.29 18.24
N VAL D 71 -6.66 -7.83 18.34
CA VAL D 71 -6.92 -9.00 19.16
C VAL D 71 -6.09 -10.23 18.73
N THR D 72 -5.78 -10.36 17.45
CA THR D 72 -4.99 -11.48 17.03
C THR D 72 -3.57 -11.34 17.59
N TYR D 73 -3.06 -10.11 17.66
CA TYR D 73 -1.73 -9.85 18.25
C TYR D 73 -1.79 -10.09 19.78
N THR D 74 -2.89 -9.75 20.43
CA THR D 74 -3.07 -9.97 21.86
C THR D 74 -3.02 -11.46 22.20
N GLU D 75 -3.84 -12.25 21.52
CA GLU D 75 -3.90 -13.69 21.78
C GLU D 75 -2.56 -14.33 21.55
N HIS D 76 -1.88 -13.91 20.51
CA HIS D 76 -0.60 -14.48 20.23
C HIS D 76 0.36 -14.16 21.34
N ALA D 77 0.18 -13.04 22.00
CA ALA D 77 1.12 -12.68 23.05
C ALA D 77 0.62 -13.31 24.34
N LYS D 78 -0.52 -13.98 24.26
CA LYS D 78 -1.03 -14.63 25.45
C LYS D 78 -1.43 -13.64 26.54
N ARG D 79 -2.08 -12.56 26.16
CA ARG D 79 -2.53 -11.56 27.14
C ARG D 79 -4.02 -11.49 27.05
N LYS D 80 -4.61 -10.62 27.84
CA LYS D 80 -6.07 -10.50 27.84
C LYS D 80 -6.39 -9.03 27.75
N THR D 81 -5.33 -8.24 27.58
CA THR D 81 -5.45 -6.80 27.52
C THR D 81 -4.98 -6.33 26.17
N VAL D 82 -5.88 -5.81 25.35
CA VAL D 82 -5.47 -5.25 24.05
C VAL D 82 -4.64 -4.00 24.39
N THR D 83 -3.40 -3.93 23.89
CA THR D 83 -2.56 -2.76 24.15
C THR D 83 -2.49 -1.80 22.97
N ALA D 84 -2.09 -0.57 23.28
CA ALA D 84 -1.92 0.46 22.26
C ALA D 84 -1.05 -0.09 21.10
N MET D 85 0.04 -0.78 21.44
CA MET D 85 0.92 -1.36 20.43
C MET D 85 0.15 -2.37 19.56
N ASP D 86 -0.69 -3.20 20.15
CA ASP D 86 -1.43 -4.14 19.32
C ASP D 86 -2.28 -3.32 18.30
N VAL D 87 -2.88 -2.22 18.71
CA VAL D 87 -3.67 -1.41 17.81
C VAL D 87 -2.78 -0.72 16.76
N VAL D 88 -1.63 -0.22 17.18
CA VAL D 88 -0.71 0.43 16.30
C VAL D 88 -0.16 -0.52 15.20
N TYR D 89 0.20 -1.77 15.56
CA TYR D 89 0.69 -2.76 14.62
C TYR D 89 -0.50 -3.19 13.72
N ALA D 90 -1.73 -3.12 14.24
CA ALA D 90 -2.86 -3.55 13.42
C ALA D 90 -3.10 -2.48 12.39
N LEU D 91 -3.08 -1.21 12.81
CA LEU D 91 -3.27 -0.13 11.88
C LEU D 91 -2.18 -0.12 10.77
N LYS D 92 -0.93 -0.34 11.16
CA LYS D 92 0.17 -0.34 10.21
C LYS D 92 -0.03 -1.45 9.16
N ARG D 93 -0.39 -2.64 9.60
CA ARG D 93 -0.64 -3.80 8.73
C ARG D 93 -1.65 -3.45 7.63
N GLN D 94 -2.66 -2.66 7.99
CA GLN D 94 -3.68 -2.22 7.07
C GLN D 94 -3.38 -0.99 6.25
N GLY D 95 -2.15 -0.48 6.30
CA GLY D 95 -1.80 0.70 5.56
C GLY D 95 -2.40 1.95 6.20
N ARG D 96 -2.72 1.89 7.47
CA ARG D 96 -3.26 3.07 8.14
C ARG D 96 -2.39 3.53 9.32
N THR D 97 -1.08 3.54 9.11
CA THR D 97 -0.12 3.94 10.12
C THR D 97 -0.51 5.14 10.91
N LEU D 98 -0.37 5.06 12.22
CA LEU D 98 -0.74 6.11 13.15
C LEU D 98 0.51 6.52 13.92
N TYR D 99 0.77 7.82 14.12
CA TYR D 99 1.92 8.17 14.93
C TYR D 99 1.42 8.72 16.28
N GLY D 100 2.20 8.57 17.35
CA GLY D 100 1.79 9.14 18.61
C GLY D 100 1.34 8.20 19.72
N PHE D 101 1.46 6.90 19.52
CA PHE D 101 1.01 5.98 20.54
C PHE D 101 1.99 4.85 20.69
N GLY D 102 3.24 5.12 20.36
CA GLY D 102 4.25 4.09 20.51
C GLY D 102 4.60 3.60 19.13
N GLY D 103 5.56 2.68 19.05
CA GLY D 103 5.95 2.15 17.75
C GLY D 103 6.31 3.27 16.80
N ALA E 17 15.23 -43.84 4.51
CA ALA E 17 15.20 -42.39 4.91
C ALA E 17 13.96 -41.66 4.37
N VAL E 18 13.09 -41.18 5.27
CA VAL E 18 11.92 -40.46 4.77
C VAL E 18 12.10 -38.92 4.70
N SER E 19 11.80 -38.30 3.56
CA SER E 19 11.95 -36.83 3.44
C SER E 19 11.03 -36.13 4.44
N ARG E 20 11.36 -34.89 4.78
CA ARG E 20 10.52 -34.20 5.75
C ARG E 20 9.13 -33.92 5.13
N SER E 21 9.11 -33.72 3.81
CA SER E 21 7.83 -33.54 3.14
C SER E 21 6.95 -34.80 3.28
N GLN E 22 7.54 -35.95 2.92
CA GLN E 22 6.87 -37.23 3.02
C GLN E 22 6.51 -37.46 4.46
N ARG E 23 7.42 -37.16 5.36
CA ARG E 23 7.09 -37.35 6.76
C ARG E 23 5.89 -36.50 7.14
N ALA E 24 5.71 -35.34 6.49
CA ALA E 24 4.56 -34.48 6.82
C ALA E 24 3.31 -34.73 5.96
N GLY E 25 3.48 -35.54 4.92
CA GLY E 25 2.36 -35.88 4.04
C GLY E 25 2.01 -34.74 3.10
N LEU E 26 3.06 -34.10 2.58
CA LEU E 26 2.97 -32.94 1.69
C LEU E 26 3.72 -33.10 0.37
N GLN E 27 3.26 -32.33 -0.62
CA GLN E 27 3.83 -32.28 -1.97
C GLN E 27 4.80 -31.13 -2.01
N PHE E 28 4.56 -30.08 -1.22
CA PHE E 28 5.45 -28.90 -1.21
C PHE E 28 6.68 -29.23 -0.36
N PRO E 29 7.87 -28.82 -0.82
CA PRO E 29 9.21 -29.05 -0.21
C PRO E 29 9.50 -28.47 1.13
N VAL E 30 9.43 -29.28 2.17
CA VAL E 30 9.69 -28.78 3.49
C VAL E 30 11.14 -28.38 3.70
N GLY E 31 12.09 -29.20 3.27
CA GLY E 31 13.50 -28.90 3.47
C GLY E 31 13.91 -27.56 2.86
N ARG E 32 13.43 -27.29 1.66
CA ARG E 32 13.75 -26.06 0.99
C ARG E 32 13.12 -24.88 1.70
N ILE E 33 11.87 -25.04 2.13
CA ILE E 33 11.15 -23.97 2.77
C ILE E 33 11.88 -23.71 4.08
N HIS E 34 12.35 -24.77 4.73
CA HIS E 34 13.07 -24.55 6.00
C HIS E 34 14.35 -23.74 5.77
N ARG E 35 15.02 -24.05 4.68
CA ARG E 35 16.25 -23.39 4.28
C ARG E 35 15.97 -21.88 4.08
N HIS E 36 14.98 -21.57 3.24
CA HIS E 36 14.59 -20.20 2.98
C HIS E 36 14.19 -19.47 4.26
N LEU E 37 13.60 -20.14 5.25
CA LEU E 37 13.26 -19.40 6.45
C LEU E 37 14.52 -19.05 7.27
N LYS E 38 15.47 -19.99 7.29
CA LYS E 38 16.72 -19.78 8.02
C LYS E 38 17.51 -18.64 7.43
N SER E 39 17.37 -18.40 6.13
CA SER E 39 18.14 -17.31 5.59
C SER E 39 17.43 -15.95 5.62
N ARG E 40 16.15 -15.91 5.96
CA ARG E 40 15.44 -14.63 6.09
C ARG E 40 15.32 -14.45 7.61
N THR E 41 16.14 -15.22 8.32
CA THR E 41 16.13 -15.27 9.78
C THR E 41 16.14 -13.95 10.52
N THR E 42 17.30 -13.31 10.58
CA THR E 42 17.53 -12.04 11.28
C THR E 42 18.53 -12.27 12.43
N SER E 43 19.81 -12.35 12.04
CA SER E 43 20.91 -12.54 12.98
C SER E 43 20.73 -13.81 13.79
N HIS E 44 20.71 -13.63 15.11
CA HIS E 44 20.56 -14.74 16.04
C HIS E 44 19.24 -15.49 15.90
N GLY E 45 18.60 -15.32 14.76
CA GLY E 45 17.33 -15.97 14.52
C GLY E 45 17.34 -17.48 14.41
N ARG E 46 16.30 -18.09 14.97
CA ARG E 46 16.16 -19.52 14.93
C ARG E 46 14.88 -19.87 14.21
N VAL E 47 14.88 -21.01 13.53
CA VAL E 47 13.66 -21.47 12.91
C VAL E 47 13.23 -22.82 13.49
N GLY E 48 12.10 -22.85 14.18
CA GLY E 48 11.61 -24.11 14.75
C GLY E 48 11.41 -25.27 13.78
N ALA E 49 11.46 -26.47 14.34
CA ALA E 49 11.31 -27.70 13.55
C ALA E 49 10.08 -27.68 12.65
N THR E 50 8.95 -27.39 13.28
CA THR E 50 7.70 -27.38 12.55
C THR E 50 7.27 -26.12 11.80
N ALA E 51 8.04 -25.04 11.83
CA ALA E 51 7.63 -23.83 11.11
C ALA E 51 7.59 -24.03 9.60
N ALA E 52 8.59 -24.70 9.07
CA ALA E 52 8.64 -24.97 7.64
C ALA E 52 7.50 -25.95 7.25
N VAL E 53 7.17 -26.90 8.12
CA VAL E 53 6.11 -27.84 7.81
C VAL E 53 4.80 -27.06 7.69
N TYR E 54 4.47 -26.27 8.70
CA TYR E 54 3.24 -25.52 8.62
C TYR E 54 3.22 -24.62 7.38
N SER E 55 4.36 -24.02 7.03
CA SER E 55 4.46 -23.15 5.87
C SER E 55 4.19 -23.85 4.56
N ALA E 56 4.78 -25.04 4.41
CA ALA E 56 4.59 -25.84 3.19
C ALA E 56 3.08 -26.23 3.08
N ALA E 57 2.41 -26.52 4.19
CA ALA E 57 1.00 -26.83 4.13
C ALA E 57 0.10 -25.61 3.65
N ILE E 58 0.34 -24.41 4.17
CA ILE E 58 -0.40 -23.18 3.78
C ILE E 58 -0.17 -22.97 2.26
N LEU E 59 1.09 -23.00 1.83
CA LEU E 59 1.46 -22.82 0.43
C LEU E 59 0.82 -23.85 -0.52
N GLU E 60 0.89 -25.12 -0.12
CA GLU E 60 0.30 -26.18 -0.92
C GLU E 60 -1.24 -26.00 -0.93
N TYR E 61 -1.82 -25.59 0.20
CA TYR E 61 -3.27 -25.42 0.24
C TYR E 61 -3.78 -24.26 -0.63
N LEU E 62 -3.05 -23.14 -0.66
CA LEU E 62 -3.49 -21.99 -1.43
C LEU E 62 -3.36 -22.32 -2.90
N THR E 63 -2.24 -22.95 -3.21
CA THR E 63 -1.98 -23.39 -4.58
C THR E 63 -3.11 -24.32 -5.05
N ALA E 64 -3.53 -25.23 -4.16
CA ALA E 64 -4.62 -26.17 -4.48
C ALA E 64 -5.93 -25.47 -4.77
N GLU E 65 -6.26 -24.48 -3.94
CA GLU E 65 -7.47 -23.65 -4.08
C GLU E 65 -7.50 -22.89 -5.43
N VAL E 66 -6.38 -22.23 -5.80
CA VAL E 66 -6.30 -21.50 -7.06
C VAL E 66 -6.43 -22.46 -8.27
N LEU E 67 -5.67 -23.57 -8.26
CA LEU E 67 -5.77 -24.56 -9.37
C LEU E 67 -7.16 -25.22 -9.47
N GLU E 68 -7.77 -25.51 -8.34
CA GLU E 68 -9.09 -26.08 -8.40
C GLU E 68 -9.99 -25.19 -9.23
N LEU E 69 -10.05 -23.88 -8.92
CA LEU E 69 -10.90 -22.91 -9.66
C LEU E 69 -10.47 -22.57 -11.12
N ALA E 70 -9.16 -22.48 -11.35
CA ALA E 70 -8.66 -22.19 -12.69
C ALA E 70 -9.02 -23.38 -13.56
N GLY E 71 -8.69 -24.59 -13.06
CA GLY E 71 -9.07 -25.81 -13.74
C GLY E 71 -10.59 -25.89 -14.00
N ASN E 72 -11.44 -25.36 -13.13
CA ASN E 72 -12.85 -25.48 -13.49
C ASN E 72 -13.10 -24.58 -14.68
N ALA E 73 -12.42 -23.43 -14.71
CA ALA E 73 -12.67 -22.50 -15.78
C ALA E 73 -12.08 -22.98 -17.11
N SER E 74 -10.94 -23.64 -17.09
CA SER E 74 -10.41 -24.06 -18.35
C SER E 74 -11.34 -25.13 -18.91
N LYS E 75 -12.10 -25.75 -18.01
CA LYS E 75 -13.04 -26.79 -18.42
C LYS E 75 -14.35 -26.26 -18.97
N ASP E 76 -14.91 -25.20 -18.39
CA ASP E 76 -16.15 -24.63 -18.96
C ASP E 76 -15.85 -23.94 -20.32
N LEU E 77 -14.61 -23.99 -20.77
CA LEU E 77 -14.22 -23.38 -22.04
C LEU E 77 -13.67 -24.48 -22.97
N LYS E 78 -14.08 -25.71 -22.68
CA LYS E 78 -13.67 -26.88 -23.46
C LYS E 78 -12.22 -26.81 -23.84
N VAL E 79 -11.34 -26.75 -22.84
CA VAL E 79 -9.91 -26.64 -23.08
C VAL E 79 -9.11 -27.37 -21.97
N LYS E 80 -7.92 -27.84 -22.30
CA LYS E 80 -7.08 -28.65 -21.40
C LYS E 80 -6.03 -27.99 -20.54
N ARG E 81 -5.47 -26.91 -21.03
CA ARG E 81 -4.46 -26.24 -20.26
C ARG E 81 -4.97 -24.95 -19.66
N ILE E 82 -4.60 -24.76 -18.40
CA ILE E 82 -4.93 -23.56 -17.68
C ILE E 82 -4.05 -22.41 -18.24
N THR E 83 -4.66 -21.28 -18.56
CA THR E 83 -3.91 -20.10 -19.02
C THR E 83 -4.04 -19.00 -17.97
N PRO E 84 -3.32 -17.85 -18.16
CA PRO E 84 -3.35 -16.69 -17.25
C PRO E 84 -4.79 -16.20 -17.29
N ARG E 85 -5.43 -16.24 -18.47
CA ARG E 85 -6.84 -15.83 -18.51
C ARG E 85 -7.66 -16.70 -17.55
N HIS E 86 -7.37 -18.01 -17.44
CA HIS E 86 -8.17 -18.84 -16.51
C HIS E 86 -7.83 -18.53 -15.10
N LEU E 87 -6.57 -18.24 -14.81
CA LEU E 87 -6.19 -17.89 -13.45
C LEU E 87 -6.89 -16.60 -13.03
N GLN E 88 -7.03 -15.68 -13.98
CA GLN E 88 -7.66 -14.39 -13.70
C GLN E 88 -9.19 -14.52 -13.52
N LEU E 89 -9.86 -15.34 -14.33
CA LEU E 89 -11.30 -15.53 -14.11
C LEU E 89 -11.50 -16.18 -12.74
N ALA E 90 -10.68 -17.18 -12.42
CA ALA E 90 -10.79 -17.87 -11.12
C ALA E 90 -10.56 -16.93 -9.93
N ILE E 91 -9.51 -16.13 -9.97
CA ILE E 91 -9.23 -15.21 -8.88
C ILE E 91 -10.23 -14.02 -8.76
N ARG E 92 -10.52 -13.31 -9.83
CA ARG E 92 -11.43 -12.21 -9.69
C ARG E 92 -12.77 -12.76 -9.34
N GLY E 93 -13.02 -14.01 -9.74
CA GLY E 93 -14.33 -14.60 -9.47
C GLY E 93 -14.65 -15.03 -8.05
N ASP E 94 -13.62 -15.22 -7.21
CA ASP E 94 -13.79 -15.66 -5.83
C ASP E 94 -13.57 -14.51 -4.82
N GLU E 95 -14.58 -14.11 -4.03
CA GLU E 95 -14.38 -13.00 -3.11
C GLU E 95 -13.09 -13.03 -2.30
N GLU E 96 -12.79 -14.16 -1.67
CA GLU E 96 -11.55 -14.25 -0.86
C GLU E 96 -10.21 -14.26 -1.61
N LEU E 97 -10.14 -14.98 -2.73
CA LEU E 97 -8.92 -15.01 -3.51
C LEU E 97 -8.67 -13.63 -4.12
N ASP E 98 -9.75 -12.98 -4.56
CA ASP E 98 -9.69 -11.66 -5.12
C ASP E 98 -9.12 -10.68 -4.06
N SER E 99 -9.59 -10.81 -2.84
CA SER E 99 -9.11 -9.98 -1.77
C SER E 99 -7.64 -10.27 -1.41
N LEU E 100 -7.25 -11.53 -1.39
CA LEU E 100 -5.89 -11.88 -1.08
C LEU E 100 -4.87 -11.59 -2.18
N ILE E 101 -5.27 -11.73 -3.46
CA ILE E 101 -4.33 -11.56 -4.60
C ILE E 101 -4.48 -10.26 -5.39
N LYS E 102 -3.78 -9.21 -4.94
CA LYS E 102 -3.89 -7.90 -5.60
C LYS E 102 -3.00 -7.74 -6.79
N ALA E 103 -2.00 -8.59 -6.92
CA ALA E 103 -1.12 -8.56 -8.06
C ALA E 103 -1.84 -8.53 -9.38
N THR E 104 -1.16 -7.96 -10.35
CA THR E 104 -1.61 -7.90 -11.71
C THR E 104 -1.18 -9.22 -12.31
N ILE E 105 -2.10 -9.82 -13.04
CA ILE E 105 -1.85 -11.10 -13.68
C ILE E 105 -1.69 -10.80 -15.16
N ALA E 106 -0.46 -10.87 -15.64
CA ALA E 106 -0.17 -10.57 -17.04
C ALA E 106 -0.93 -11.49 -17.91
N GLY E 107 -1.59 -10.94 -18.92
CA GLY E 107 -2.33 -11.76 -19.87
C GLY E 107 -3.70 -12.21 -19.38
N GLY E 108 -4.19 -11.72 -18.25
CA GLY E 108 -5.48 -12.20 -17.79
C GLY E 108 -6.73 -11.43 -18.15
N GLY E 109 -6.51 -10.25 -18.75
CA GLY E 109 -7.60 -9.37 -19.11
C GLY E 109 -8.44 -9.09 -17.88
N VAL E 110 -9.71 -8.79 -18.11
CA VAL E 110 -10.67 -8.51 -17.03
C VAL E 110 -11.91 -9.37 -17.13
N ILE E 111 -12.75 -9.29 -16.11
CA ILE E 111 -14.03 -10.00 -16.04
C ILE E 111 -15.05 -9.22 -16.86
N PRO E 112 -15.69 -9.84 -17.86
CA PRO E 112 -16.66 -8.99 -18.61
C PRO E 112 -17.74 -8.35 -17.76
N HIS E 113 -17.99 -7.06 -17.99
CA HIS E 113 -19.01 -6.30 -17.28
C HIS E 113 -19.34 -4.96 -17.95
N ILE E 114 -20.63 -4.68 -18.11
CA ILE E 114 -21.09 -3.42 -18.67
C ILE E 114 -22.15 -2.79 -17.78
N HIS E 115 -21.99 -1.54 -17.39
CA HIS E 115 -22.95 -0.89 -16.51
C HIS E 115 -24.31 -0.79 -17.13
N LYS E 116 -25.33 -1.14 -16.34
CA LYS E 116 -26.69 -1.09 -16.83
C LYS E 116 -27.08 0.21 -17.50
N SER E 117 -26.57 1.35 -17.03
CA SER E 117 -26.98 2.60 -17.69
C SER E 117 -26.35 2.85 -19.06
N LEU E 118 -25.52 1.94 -19.54
CA LEU E 118 -24.84 2.10 -20.83
C LEU E 118 -25.49 1.27 -21.91
N ILE E 119 -26.33 0.34 -21.48
CA ILE E 119 -27.01 -0.56 -22.38
C ILE E 119 -28.29 0.00 -22.94
N LYS F 32 25.55 -20.28 -8.06
CA LYS F 32 25.88 -20.72 -9.43
C LYS F 32 24.84 -20.26 -10.48
N THR F 33 24.34 -21.17 -11.31
CA THR F 33 23.35 -20.80 -12.32
C THR F 33 21.98 -21.37 -12.04
N ARG F 34 21.92 -22.50 -11.33
CA ARG F 34 20.64 -23.15 -11.06
C ARG F 34 19.70 -22.35 -10.17
N LYS F 35 18.54 -22.03 -10.74
CA LYS F 35 17.51 -21.27 -10.09
C LYS F 35 16.36 -22.15 -9.61
N GLU F 36 16.04 -22.04 -8.33
CA GLU F 36 14.96 -22.80 -7.71
C GLU F 36 13.60 -22.36 -8.27
N SER F 37 12.68 -23.31 -8.44
CA SER F 37 11.33 -23.05 -8.93
C SER F 37 10.36 -23.92 -8.15
N TYR F 38 9.08 -23.57 -8.17
CA TYR F 38 8.08 -24.37 -7.46
C TYR F 38 7.28 -25.14 -8.48
N ALA F 39 7.61 -24.99 -9.76
CA ALA F 39 6.85 -25.67 -10.76
C ALA F 39 6.65 -27.19 -10.62
N ILE F 40 7.65 -27.98 -10.22
CA ILE F 40 7.33 -29.43 -10.14
C ILE F 40 6.28 -29.65 -9.05
N TYR F 41 6.34 -28.89 -7.97
CA TYR F 41 5.37 -29.04 -6.91
C TYR F 41 3.99 -28.58 -7.30
N VAL F 42 3.89 -27.50 -8.07
CA VAL F 42 2.59 -26.99 -8.53
C VAL F 42 1.99 -28.09 -9.43
N TYR F 43 2.79 -28.67 -10.34
CA TYR F 43 2.29 -29.77 -11.21
C TYR F 43 1.72 -30.91 -10.36
N LYS F 44 2.45 -31.36 -9.35
CA LYS F 44 1.92 -32.43 -8.50
C LYS F 44 0.53 -32.04 -8.00
N VAL F 45 0.38 -30.85 -7.41
CA VAL F 45 -0.92 -30.43 -6.88
C VAL F 45 -1.98 -30.34 -8.00
N LEU F 46 -1.59 -29.83 -9.15
CA LEU F 46 -2.58 -29.77 -10.24
C LEU F 46 -3.09 -31.19 -10.60
N LYS F 47 -2.20 -32.19 -10.62
CA LYS F 47 -2.60 -33.58 -10.94
C LYS F 47 -3.56 -34.12 -9.92
N GLN F 48 -3.38 -33.75 -8.65
CA GLN F 48 -4.33 -34.22 -7.67
C GLN F 48 -5.70 -33.57 -7.82
N VAL F 49 -5.80 -32.31 -8.22
CA VAL F 49 -7.15 -31.69 -8.28
C VAL F 49 -7.79 -31.81 -9.64
N HIS F 50 -6.99 -31.92 -10.70
CA HIS F 50 -7.49 -32.03 -12.07
C HIS F 50 -6.59 -32.94 -12.90
N PRO F 51 -6.65 -34.24 -12.62
CA PRO F 51 -5.84 -35.24 -13.31
C PRO F 51 -5.67 -35.09 -14.83
N ASP F 52 -6.67 -34.62 -15.54
CA ASP F 52 -6.43 -34.49 -16.98
C ASP F 52 -6.21 -33.07 -17.51
N THR F 53 -5.75 -32.19 -16.63
CA THR F 53 -5.56 -30.79 -16.97
C THR F 53 -4.08 -30.35 -16.99
N GLY F 54 -3.69 -29.65 -18.04
CA GLY F 54 -2.31 -29.15 -18.08
C GLY F 54 -2.20 -27.66 -17.66
N ILE F 55 -0.99 -27.11 -17.70
CA ILE F 55 -0.79 -25.71 -17.40
C ILE F 55 0.26 -25.15 -18.38
N SER F 56 -0.07 -24.06 -19.08
CA SER F 56 0.82 -23.37 -20.03
C SER F 56 2.04 -22.79 -19.29
N SER F 57 3.14 -22.47 -19.96
CA SER F 57 4.28 -21.98 -19.18
C SER F 57 4.03 -20.59 -18.58
N LYS F 58 3.24 -19.77 -19.27
CA LYS F 58 2.91 -18.44 -18.77
C LYS F 58 2.19 -18.60 -17.44
N ALA F 59 1.23 -19.53 -17.43
CA ALA F 59 0.42 -19.81 -16.25
C ALA F 59 1.28 -20.34 -15.15
N MET F 60 2.27 -21.16 -15.45
CA MET F 60 3.09 -21.70 -14.39
C MET F 60 3.93 -20.56 -13.80
N SER F 61 4.32 -19.63 -14.66
CA SER F 61 5.12 -18.49 -14.23
C SER F 61 4.33 -17.68 -13.20
N ILE F 62 3.08 -17.37 -13.53
CA ILE F 62 2.24 -16.69 -12.55
C ILE F 62 2.15 -17.46 -11.20
N MET F 63 1.88 -18.77 -11.24
CA MET F 63 1.81 -19.59 -10.03
C MET F 63 3.15 -19.55 -9.31
N ASN F 64 4.24 -19.55 -10.07
CA ASN F 64 5.48 -19.46 -9.35
C ASN F 64 5.63 -18.13 -8.60
N SER F 65 5.21 -17.02 -9.21
CA SER F 65 5.29 -15.69 -8.53
C SER F 65 4.34 -15.65 -7.33
N PHE F 66 3.14 -16.17 -7.53
CA PHE F 66 2.13 -16.19 -6.48
C PHE F 66 2.65 -16.87 -5.25
N VAL F 67 3.28 -18.03 -5.41
CA VAL F 67 3.80 -18.79 -4.27
C VAL F 67 4.93 -18.04 -3.57
N ASN F 68 5.85 -17.47 -4.34
CA ASN F 68 6.91 -16.72 -3.72
C ASN F 68 6.36 -15.55 -2.95
N ASP F 69 5.41 -14.87 -3.56
CA ASP F 69 4.82 -13.71 -2.93
C ASP F 69 4.20 -14.08 -1.58
N VAL F 70 3.32 -15.11 -1.59
CA VAL F 70 2.70 -15.50 -0.34
C VAL F 70 3.71 -15.91 0.74
N PHE F 71 4.76 -16.63 0.33
CA PHE F 71 5.76 -17.03 1.32
C PHE F 71 6.51 -15.81 1.91
N GLU F 72 6.88 -14.84 1.05
CA GLU F 72 7.60 -13.67 1.54
C GLU F 72 6.65 -12.97 2.53
N ARG F 73 5.38 -12.81 2.17
CA ARG F 73 4.44 -12.20 3.11
C ARG F 73 4.31 -12.97 4.43
N ILE F 74 4.25 -14.30 4.40
CA ILE F 74 4.12 -14.99 5.68
C ILE F 74 5.38 -14.93 6.53
N ALA F 75 6.52 -15.14 5.90
CA ALA F 75 7.76 -15.10 6.69
C ALA F 75 7.89 -13.70 7.28
N GLY F 76 7.66 -12.68 6.45
CA GLY F 76 7.68 -11.32 6.96
C GLY F 76 6.83 -11.10 8.24
N GLU F 77 5.53 -11.42 8.16
CA GLU F 77 4.67 -11.28 9.33
C GLU F 77 5.19 -12.15 10.48
N ALA F 78 5.67 -13.35 10.19
CA ALA F 78 6.15 -14.15 11.31
C ALA F 78 7.34 -13.50 11.98
N SER F 79 8.25 -12.89 11.21
CA SER F 79 9.42 -12.24 11.82
C SER F 79 9.05 -11.12 12.78
N ARG F 80 8.29 -10.13 12.27
CA ARG F 80 7.84 -9.00 13.07
C ARG F 80 7.14 -9.53 14.28
N LEU F 81 6.19 -10.44 14.06
CA LEU F 81 5.43 -11.02 15.15
C LEU F 81 6.39 -11.47 16.25
N ALA F 82 7.40 -12.23 15.88
CA ALA F 82 8.41 -12.69 16.83
C ALA F 82 9.11 -11.49 17.50
N HIS F 83 9.49 -10.53 16.68
CA HIS F 83 10.15 -9.32 17.11
C HIS F 83 9.31 -8.65 18.17
N TYR F 84 8.07 -8.26 17.83
CA TYR F 84 7.20 -7.62 18.82
C TYR F 84 7.16 -8.36 20.15
N ASN F 85 7.40 -9.66 20.15
CA ASN F 85 7.31 -10.37 21.39
C ASN F 85 8.67 -10.70 22.00
N LYS F 86 9.72 -10.03 21.51
CA LYS F 86 11.05 -10.25 22.04
C LYS F 86 11.45 -11.72 21.98
N ARG F 87 11.10 -12.36 20.89
CA ARG F 87 11.42 -13.77 20.67
C ARG F 87 12.34 -13.80 19.46
N SER F 88 13.25 -14.75 19.42
CA SER F 88 14.16 -14.83 18.31
C SER F 88 13.84 -16.05 17.46
N THR F 89 13.02 -16.94 17.99
CA THR F 89 12.67 -18.14 17.27
C THR F 89 11.34 -18.02 16.52
N ILE F 90 11.32 -18.41 15.25
CA ILE F 90 10.09 -18.40 14.48
C ILE F 90 9.54 -19.83 14.57
N THR F 91 8.44 -20.03 15.27
CA THR F 91 7.89 -21.37 15.37
C THR F 91 6.63 -21.52 14.52
N SER F 92 5.99 -22.67 14.67
CA SER F 92 4.80 -22.95 13.90
C SER F 92 3.71 -22.04 14.46
N ARG F 93 3.87 -21.62 15.70
CA ARG F 93 2.90 -20.73 16.32
C ARG F 93 2.89 -19.32 15.67
N GLU F 94 4.07 -18.82 15.29
CA GLU F 94 4.19 -17.53 14.63
C GLU F 94 3.64 -17.66 13.24
N ILE F 95 3.91 -18.78 12.56
CA ILE F 95 3.41 -18.99 11.21
C ILE F 95 1.89 -19.00 11.21
N GLN F 96 1.30 -19.62 12.21
CA GLN F 96 -0.15 -19.67 12.30
C GLN F 96 -0.76 -18.27 12.45
N THR F 97 -0.22 -17.49 13.36
CA THR F 97 -0.72 -16.15 13.56
C THR F 97 -0.48 -15.35 12.29
N ALA F 98 0.68 -15.53 11.66
CA ALA F 98 0.94 -14.84 10.40
C ALA F 98 -0.19 -15.17 9.44
N VAL F 99 -0.55 -16.45 9.31
CA VAL F 99 -1.63 -16.87 8.45
C VAL F 99 -3.00 -16.27 8.83
N ARG F 100 -3.28 -16.10 10.11
CA ARG F 100 -4.59 -15.53 10.47
C ARG F 100 -4.69 -14.06 10.16
N LEU F 101 -3.53 -13.39 10.13
CA LEU F 101 -3.48 -12.00 9.81
C LEU F 101 -3.57 -11.79 8.32
N LEU F 102 -2.91 -12.65 7.54
CA LEU F 102 -2.93 -12.53 6.10
C LEU F 102 -4.11 -13.07 5.27
N LEU F 103 -4.76 -14.17 5.66
CA LEU F 103 -5.83 -14.67 4.82
C LEU F 103 -7.21 -14.25 5.21
N PRO F 104 -8.10 -14.16 4.22
CA PRO F 104 -9.48 -13.74 4.47
C PRO F 104 -10.22 -14.84 5.16
N GLY F 105 -11.03 -14.47 6.14
CA GLY F 105 -11.85 -15.41 6.88
C GLY F 105 -11.85 -16.89 6.57
N GLU F 106 -12.58 -17.32 5.57
CA GLU F 106 -12.64 -18.75 5.32
C GLU F 106 -11.35 -19.40 4.83
N LEU F 107 -10.56 -18.72 4.01
CA LEU F 107 -9.32 -19.33 3.55
C LEU F 107 -8.40 -19.61 4.77
N ALA F 108 -8.43 -18.72 5.77
CA ALA F 108 -7.64 -18.86 6.96
C ALA F 108 -7.96 -20.16 7.70
N LYS F 109 -9.26 -20.39 7.98
CA LYS F 109 -9.69 -21.60 8.66
C LYS F 109 -9.22 -22.86 7.99
N HIS F 110 -9.46 -22.99 6.70
CA HIS F 110 -9.02 -24.20 6.08
C HIS F 110 -7.50 -24.34 6.07
N ALA F 111 -6.78 -23.22 5.89
CA ALA F 111 -5.32 -23.27 5.83
C ALA F 111 -4.74 -23.67 7.21
N VAL F 112 -5.26 -23.05 8.26
CA VAL F 112 -4.89 -23.35 9.64
C VAL F 112 -5.13 -24.83 9.97
N SER F 113 -6.26 -25.36 9.55
CA SER F 113 -6.50 -26.75 9.81
C SER F 113 -5.55 -27.60 8.95
N GLU F 114 -5.12 -27.14 7.79
CA GLU F 114 -4.21 -28.03 7.07
C GLU F 114 -2.79 -27.91 7.63
N GLY F 115 -2.51 -26.76 8.22
CA GLY F 115 -1.21 -26.53 8.79
C GLY F 115 -1.11 -27.38 10.02
N THR F 116 -2.14 -27.32 10.86
CA THR F 116 -2.16 -28.10 12.07
C THR F 116 -2.01 -29.61 11.80
N LYS F 117 -2.79 -30.10 10.85
CA LYS F 117 -2.75 -31.48 10.49
C LYS F 117 -1.34 -31.89 10.08
N ALA F 118 -0.66 -31.09 9.28
CA ALA F 118 0.66 -31.52 8.88
C ALA F 118 1.72 -31.45 10.00
N VAL F 119 1.50 -30.61 11.01
CA VAL F 119 2.50 -30.52 12.04
C VAL F 119 2.32 -31.76 12.89
N THR F 120 1.11 -31.95 13.40
CA THR F 120 0.74 -33.13 14.16
C THR F 120 1.20 -34.42 13.47
N LYS F 121 1.01 -34.55 12.19
CA LYS F 121 1.44 -35.79 11.63
C LYS F 121 2.94 -35.88 11.68
N TYR F 122 3.61 -34.77 11.35
CA TYR F 122 5.07 -34.74 11.30
C TYR F 122 5.72 -35.11 12.66
N THR F 123 5.18 -34.56 13.72
CA THR F 123 5.70 -34.82 15.01
C THR F 123 5.32 -36.21 15.47
N SER F 124 4.28 -36.81 14.88
CA SER F 124 3.89 -38.15 15.31
C SER F 124 4.97 -39.18 14.89
N ALA F 125 5.89 -38.80 14.01
CA ALA F 125 6.94 -39.72 13.63
C ALA F 125 8.21 -39.47 14.48
N LYS F 126 8.20 -38.31 15.17
CA LYS F 126 9.27 -37.81 16.07
C LYS F 126 8.78 -36.47 16.72
N GLY G 34 -35.15 4.57 -51.70
CA GLY G 34 -34.24 4.94 -52.81
C GLY G 34 -33.99 3.80 -53.78
N GLU G 35 -32.96 3.95 -54.61
CA GLU G 35 -32.60 2.92 -55.58
C GLU G 35 -32.04 1.67 -54.92
N VAL G 36 -30.84 1.80 -54.34
CA VAL G 36 -30.20 0.70 -53.62
C VAL G 36 -30.43 1.10 -52.16
N LYS G 37 -31.38 2.04 -52.00
CA LYS G 37 -31.80 2.62 -50.74
C LYS G 37 -30.67 2.93 -49.77
N LYS G 38 -31.04 3.52 -48.64
CA LYS G 38 -30.12 3.92 -47.59
C LYS G 38 -29.12 2.86 -47.12
N PRO G 39 -27.82 3.05 -47.43
CA PRO G 39 -26.77 2.10 -47.03
C PRO G 39 -26.85 1.93 -45.51
N HIS G 40 -26.93 0.69 -45.05
CA HIS G 40 -27.06 0.38 -43.63
C HIS G 40 -26.09 1.11 -42.70
N ARG G 41 -26.64 1.58 -41.58
CA ARG G 41 -25.85 2.32 -40.63
C ARG G 41 -26.22 2.04 -39.18
N TYR G 42 -25.29 1.48 -38.40
CA TYR G 42 -25.56 1.25 -36.98
C TYR G 42 -25.72 2.58 -36.23
N ARG G 43 -26.64 2.63 -35.29
CA ARG G 43 -26.83 3.84 -34.53
C ARG G 43 -25.64 4.10 -33.59
N PRO G 44 -25.36 5.37 -33.29
CA PRO G 44 -24.24 5.69 -32.39
C PRO G 44 -24.40 4.93 -31.06
N GLY G 45 -23.36 4.19 -30.69
CA GLY G 45 -23.41 3.44 -29.45
C GLY G 45 -23.46 1.95 -29.65
N THR G 46 -24.06 1.53 -30.76
CA THR G 46 -24.18 0.13 -31.04
C THR G 46 -22.85 -0.54 -31.30
N VAL G 47 -21.97 0.11 -32.07
CA VAL G 47 -20.67 -0.48 -32.34
C VAL G 47 -19.76 -0.36 -31.10
N ALA G 48 -19.98 0.70 -30.32
CA ALA G 48 -19.20 0.90 -29.13
C ALA G 48 -19.50 -0.28 -28.13
N LEU G 49 -20.77 -0.65 -27.94
CA LEU G 49 -21.10 -1.78 -27.06
C LEU G 49 -20.51 -3.07 -27.59
N ARG G 50 -20.56 -3.24 -28.91
CA ARG G 50 -20.02 -4.39 -29.60
C ARG G 50 -18.51 -4.49 -29.23
N GLU G 51 -17.85 -3.32 -29.16
CA GLU G 51 -16.43 -3.22 -28.86
C GLU G 51 -16.06 -3.57 -27.41
N ILE G 52 -16.85 -3.06 -26.47
CA ILE G 52 -16.61 -3.40 -25.08
C ILE G 52 -16.72 -4.96 -24.95
N ARG G 53 -17.73 -5.58 -25.57
CA ARG G 53 -17.89 -7.05 -25.43
C ARG G 53 -16.68 -7.76 -25.98
N ARG G 54 -16.21 -7.27 -27.11
CA ARG G 54 -15.07 -7.87 -27.74
C ARG G 54 -13.75 -7.75 -26.90
N TYR G 55 -13.38 -6.54 -26.51
CA TYR G 55 -12.11 -6.36 -25.80
C TYR G 55 -12.18 -6.87 -24.40
N GLN G 56 -13.37 -6.88 -23.83
CA GLN G 56 -13.46 -7.42 -22.50
C GLN G 56 -13.30 -8.90 -22.53
N LYS G 57 -13.46 -9.56 -23.66
CA LYS G 57 -13.28 -10.99 -23.51
C LYS G 57 -11.95 -11.43 -24.01
N SER G 58 -11.12 -10.50 -24.44
CA SER G 58 -9.84 -10.97 -24.89
C SER G 58 -8.73 -10.50 -23.97
N THR G 59 -7.54 -11.04 -24.19
CA THR G 59 -6.42 -10.67 -23.34
C THR G 59 -5.21 -10.02 -23.99
N GLU G 60 -5.19 -9.85 -25.31
CA GLU G 60 -3.99 -9.25 -25.92
C GLU G 60 -3.69 -7.83 -25.47
N LEU G 61 -2.41 -7.44 -25.62
CA LEU G 61 -1.94 -6.08 -25.38
C LEU G 61 -2.63 -5.15 -26.41
N LEU G 62 -3.19 -4.06 -25.97
CA LEU G 62 -3.89 -3.20 -26.87
C LEU G 62 -3.08 -2.06 -27.43
N ILE G 63 -1.88 -1.79 -26.89
CA ILE G 63 -1.09 -0.69 -27.42
C ILE G 63 -0.10 -1.34 -28.41
N ARG G 64 0.21 -0.74 -29.58
CA ARG G 64 1.17 -1.38 -30.53
C ARG G 64 2.51 -1.51 -29.78
N LYS G 65 3.26 -2.55 -30.05
CA LYS G 65 4.52 -2.82 -29.39
C LYS G 65 5.70 -1.91 -29.66
N LEU G 66 6.06 -1.69 -30.93
CA LEU G 66 7.22 -0.86 -31.21
C LEU G 66 7.02 0.57 -30.70
N PRO G 67 5.89 1.20 -31.00
CA PRO G 67 5.76 2.56 -30.47
C PRO G 67 5.85 2.61 -28.93
N PHE G 68 5.39 1.57 -28.24
CA PHE G 68 5.45 1.59 -26.79
C PHE G 68 6.91 1.38 -26.33
N GLN G 69 7.65 0.57 -27.07
CA GLN G 69 9.08 0.38 -26.79
C GLN G 69 9.85 1.73 -26.97
N ARG G 70 9.57 2.48 -28.03
CA ARG G 70 10.25 3.78 -28.16
C ARG G 70 9.90 4.72 -27.01
N LEU G 71 8.64 4.75 -26.59
CA LEU G 71 8.27 5.61 -25.48
C LEU G 71 9.08 5.21 -24.26
N VAL G 72 9.27 3.93 -24.05
CA VAL G 72 10.05 3.50 -22.92
C VAL G 72 11.50 3.90 -23.02
N ARG G 73 12.07 3.80 -24.21
CA ARG G 73 13.47 4.12 -24.40
C ARG G 73 13.69 5.61 -24.28
N GLU G 74 12.73 6.37 -24.71
CA GLU G 74 12.84 7.78 -24.64
C GLU G 74 12.75 8.23 -23.19
N ILE G 75 11.78 7.73 -22.42
CA ILE G 75 11.75 8.18 -21.03
C ILE G 75 13.01 7.67 -20.31
N ALA G 76 13.39 6.41 -20.49
CA ALA G 76 14.59 5.95 -19.79
C ALA G 76 15.82 6.82 -20.08
N GLN G 77 16.04 7.07 -21.36
CA GLN G 77 17.18 7.86 -21.83
C GLN G 77 17.26 9.23 -21.11
N ASP G 78 16.13 9.92 -20.94
CA ASP G 78 16.11 11.18 -20.25
C ASP G 78 16.45 11.02 -18.77
N PHE G 79 16.75 9.82 -18.25
CA PHE G 79 17.14 9.65 -16.84
C PHE G 79 18.59 9.22 -16.81
N LYS G 80 18.97 8.36 -17.74
CA LYS G 80 20.33 7.88 -17.80
C LYS G 80 20.57 7.42 -19.26
N THR G 81 21.58 8.00 -19.92
CA THR G 81 21.92 7.64 -21.31
C THR G 81 22.59 6.26 -21.39
N ASP G 82 22.67 5.73 -22.61
CA ASP G 82 23.31 4.45 -22.85
C ASP G 82 22.73 3.21 -22.15
N LEU G 83 21.42 3.18 -21.91
CA LEU G 83 20.84 1.99 -21.28
C LEU G 83 20.31 0.98 -22.31
N ARG G 84 20.49 -0.29 -22.03
CA ARG G 84 19.95 -1.35 -22.86
C ARG G 84 18.73 -1.94 -22.11
N PHE G 85 17.95 -2.77 -22.78
CA PHE G 85 16.75 -3.34 -22.15
C PHE G 85 16.53 -4.79 -22.45
N GLN G 86 16.32 -5.66 -21.48
CA GLN G 86 15.97 -7.06 -21.87
C GLN G 86 14.60 -6.90 -22.50
N SER G 87 14.32 -7.62 -23.56
CA SER G 87 13.00 -7.44 -24.19
C SER G 87 11.82 -7.72 -23.22
N SER G 88 11.98 -8.65 -22.29
CA SER G 88 10.95 -8.94 -21.30
C SER G 88 10.76 -7.80 -20.28
N ALA G 89 11.78 -6.96 -20.07
CA ALA G 89 11.66 -5.79 -19.17
C ALA G 89 10.64 -4.84 -19.79
N VAL G 90 10.72 -4.72 -21.11
CA VAL G 90 9.80 -3.83 -21.81
C VAL G 90 8.39 -4.42 -21.82
N MET G 91 8.30 -5.73 -21.91
CA MET G 91 7.01 -6.37 -21.91
C MET G 91 6.38 -6.23 -20.54
N ALA G 92 7.21 -6.28 -19.48
CA ALA G 92 6.68 -6.10 -18.14
C ALA G 92 6.11 -4.69 -17.98
N LEU G 93 6.79 -3.67 -18.48
CA LEU G 93 6.26 -2.32 -18.35
C LEU G 93 4.96 -2.17 -19.15
N GLN G 94 4.82 -2.89 -20.27
CA GLN G 94 3.60 -2.74 -21.07
C GLN G 94 2.40 -3.37 -20.39
N GLU G 95 2.60 -4.54 -19.79
CA GLU G 95 1.53 -5.21 -19.08
C GLU G 95 1.09 -4.38 -17.89
N ALA G 96 2.07 -3.85 -17.16
CA ALA G 96 1.76 -3.02 -16.00
C ALA G 96 0.98 -1.79 -16.44
N SER G 97 1.44 -1.15 -17.52
CA SER G 97 0.78 0.09 -18.02
C SER G 97 -0.66 -0.08 -18.50
N GLU G 98 -0.91 -1.12 -19.30
CA GLU G 98 -2.27 -1.40 -19.77
C GLU G 98 -3.11 -1.83 -18.57
N ALA G 99 -2.53 -2.55 -17.59
CA ALA G 99 -3.38 -2.93 -16.47
C ALA G 99 -3.73 -1.69 -15.67
N TYR G 100 -2.79 -0.75 -15.56
CA TYR G 100 -3.05 0.51 -14.84
C TYR G 100 -4.09 1.34 -15.65
N LEU G 101 -3.96 1.48 -16.97
CA LEU G 101 -4.93 2.31 -17.67
C LEU G 101 -6.35 1.78 -17.66
N VAL G 102 -6.47 0.49 -17.95
CA VAL G 102 -7.77 -0.16 -17.94
C VAL G 102 -8.46 0.03 -16.55
N ALA G 103 -7.75 -0.17 -15.45
CA ALA G 103 -8.43 -0.02 -14.16
C ALA G 103 -8.79 1.43 -13.90
N LEU G 104 -8.01 2.36 -14.44
CA LEU G 104 -8.28 3.77 -14.27
C LEU G 104 -9.50 4.09 -15.12
N PHE G 105 -9.64 3.53 -16.33
CA PHE G 105 -10.89 3.83 -17.11
C PHE G 105 -12.15 3.23 -16.41
N GLU G 106 -12.04 2.11 -15.66
CA GLU G 106 -13.25 1.60 -14.93
C GLU G 106 -13.64 2.62 -13.88
N ASP G 107 -12.66 3.13 -13.13
CA ASP G 107 -12.98 4.16 -12.10
C ASP G 107 -13.50 5.47 -12.72
N THR G 108 -12.92 5.85 -13.85
CA THR G 108 -13.33 7.06 -14.52
C THR G 108 -14.76 6.88 -15.02
N ASN G 109 -15.06 5.66 -15.49
CA ASN G 109 -16.42 5.37 -15.97
C ASN G 109 -17.41 5.47 -14.78
N LEU G 110 -16.99 5.09 -13.56
CA LEU G 110 -17.90 5.22 -12.40
C LEU G 110 -18.15 6.70 -12.07
N CYS G 111 -17.12 7.53 -12.19
CA CYS G 111 -17.32 8.95 -11.94
C CYS G 111 -18.24 9.56 -13.02
N ALA G 112 -18.09 9.22 -14.29
CA ALA G 112 -19.02 9.76 -15.29
C ALA G 112 -20.49 9.35 -14.94
N ILE G 113 -20.77 8.07 -14.86
CA ILE G 113 -22.10 7.61 -14.49
C ILE G 113 -22.68 8.25 -13.16
N HIS G 114 -21.85 8.50 -12.17
CA HIS G 114 -22.28 9.10 -10.91
C HIS G 114 -22.82 10.47 -11.22
N ALA G 115 -22.28 11.07 -12.28
CA ALA G 115 -22.65 12.39 -12.74
C ALA G 115 -23.75 12.31 -13.82
N LYS G 116 -24.36 11.13 -13.95
CA LYS G 116 -25.40 10.97 -14.95
C LYS G 116 -24.99 11.17 -16.39
N ARG G 117 -23.76 10.82 -16.73
CA ARG G 117 -23.34 10.94 -18.13
C ARG G 117 -22.94 9.53 -18.57
N VAL G 118 -22.66 9.35 -19.84
CA VAL G 118 -22.22 8.05 -20.33
C VAL G 118 -20.87 8.35 -21.04
N THR G 119 -20.51 9.63 -21.11
CA THR G 119 -19.27 10.09 -21.73
C THR G 119 -18.19 10.40 -20.72
N ILE G 120 -17.05 9.72 -20.74
CA ILE G 120 -16.01 10.07 -19.77
C ILE G 120 -15.30 11.34 -20.20
N MET G 121 -14.96 12.16 -19.22
CA MET G 121 -14.30 13.44 -19.44
C MET G 121 -13.09 13.60 -18.58
N PRO G 122 -12.19 14.54 -18.92
CA PRO G 122 -10.97 14.76 -18.12
C PRO G 122 -11.31 14.96 -16.68
N LYS G 123 -12.46 15.56 -16.39
CA LYS G 123 -12.73 15.75 -14.97
C LYS G 123 -13.05 14.44 -14.22
N ASP G 124 -13.51 13.44 -14.94
CA ASP G 124 -13.81 12.14 -14.37
C ASP G 124 -12.46 11.45 -14.00
N ILE G 125 -11.46 11.49 -14.91
CA ILE G 125 -10.16 10.92 -14.70
C ILE G 125 -9.51 11.61 -13.48
N GLN G 126 -9.61 12.92 -13.41
CA GLN G 126 -9.02 13.68 -12.31
C GLN G 126 -9.69 13.35 -10.98
N LEU G 127 -10.98 13.12 -11.00
CA LEU G 127 -11.65 12.81 -9.78
C LEU G 127 -11.19 11.46 -9.28
N ALA G 128 -11.11 10.49 -10.18
CA ALA G 128 -10.67 9.16 -9.85
C ALA G 128 -9.22 9.18 -9.28
N ARG G 129 -8.36 10.00 -9.83
CA ARG G 129 -7.00 10.03 -9.31
C ARG G 129 -6.91 10.80 -7.99
N ARG G 130 -7.71 11.84 -7.80
CA ARG G 130 -7.63 12.50 -6.50
C ARG G 130 -8.10 11.47 -5.44
N ILE G 131 -9.23 10.81 -5.66
CA ILE G 131 -9.63 9.86 -4.67
C ILE G 131 -8.64 8.70 -4.53
N ARG G 132 -7.99 8.28 -5.61
CA ARG G 132 -7.06 7.19 -5.45
C ARG G 132 -5.82 7.63 -4.69
N GLY G 133 -5.64 8.93 -4.53
CA GLY G 133 -4.47 9.43 -3.84
C GLY G 133 -3.22 9.56 -4.68
N GLU G 134 -3.36 9.87 -5.95
CA GLU G 134 -2.23 10.03 -6.89
C GLU G 134 -2.22 11.52 -7.21
N ARG G 135 -1.46 11.91 -8.23
CA ARG G 135 -1.50 13.26 -8.77
C ARG G 135 -0.52 13.66 -9.85
N ALA G 136 -1.04 14.44 -10.80
CA ALA G 136 -0.34 14.95 -12.00
C ALA G 136 -1.36 15.04 -13.16
N ARG H 18 28.03 2.85 -33.61
CA ARG H 18 28.64 4.12 -34.07
C ARG H 18 27.65 5.12 -34.66
N HIS H 19 26.36 4.96 -34.36
CA HIS H 19 25.42 5.91 -34.92
C HIS H 19 24.42 6.65 -34.03
N ARG H 20 23.15 6.67 -34.43
CA ARG H 20 22.21 7.52 -33.73
C ARG H 20 20.70 7.24 -33.57
N LYS H 21 19.96 8.27 -33.95
CA LYS H 21 18.51 8.43 -33.93
C LYS H 21 18.01 9.03 -32.61
N VAL H 22 17.42 10.19 -32.74
CA VAL H 22 16.95 10.97 -31.62
C VAL H 22 15.51 10.67 -31.36
N LEU H 23 15.19 10.29 -30.13
CA LEU H 23 13.82 9.99 -29.73
C LEU H 23 13.07 11.25 -29.28
N ARG H 24 11.97 11.56 -29.96
CA ARG H 24 11.19 12.72 -29.59
C ARG H 24 9.72 12.44 -29.79
N ASP H 25 8.90 13.04 -28.92
CA ASP H 25 7.46 12.92 -29.03
C ASP H 25 6.88 11.52 -29.20
N ASN H 26 7.52 10.52 -28.62
CA ASN H 26 6.99 9.18 -28.74
C ASN H 26 5.70 8.91 -27.99
N ILE H 27 5.26 9.86 -27.18
CA ILE H 27 4.07 9.73 -26.45
C ILE H 27 2.95 9.74 -27.48
N GLN H 28 3.15 10.33 -28.66
CA GLN H 28 2.04 10.31 -29.64
C GLN H 28 1.89 8.92 -30.29
N GLY H 29 2.75 8.00 -29.88
CA GLY H 29 2.67 6.64 -30.37
C GLY H 29 1.53 5.94 -29.62
N ILE H 30 1.09 6.51 -28.50
CA ILE H 30 -0.08 5.94 -27.83
C ILE H 30 -1.19 6.70 -28.60
N THR H 31 -1.66 6.08 -29.67
CA THR H 31 -2.66 6.69 -30.55
C THR H 31 -4.08 6.68 -30.05
N LYS H 32 -4.90 7.53 -30.64
CA LYS H 32 -6.29 7.62 -30.28
C LYS H 32 -6.99 6.20 -30.36
N PRO H 33 -6.75 5.38 -31.40
CA PRO H 33 -7.40 4.04 -31.43
C PRO H 33 -6.96 3.12 -30.23
N ALA H 34 -5.69 3.17 -29.89
CA ALA H 34 -5.21 2.37 -28.77
C ALA H 34 -5.86 2.85 -27.46
N ILE H 35 -6.07 4.14 -27.32
CA ILE H 35 -6.63 4.61 -26.10
C ILE H 35 -8.09 4.18 -26.04
N ARG H 36 -8.74 4.19 -27.18
CA ARG H 36 -10.15 3.79 -27.25
C ARG H 36 -10.26 2.27 -26.95
N ARG H 37 -9.33 1.47 -27.43
CA ARG H 37 -9.38 0.07 -27.12
C ARG H 37 -9.27 -0.16 -25.58
N LEU H 38 -8.34 0.53 -24.93
CA LEU H 38 -8.10 0.44 -23.50
C LEU H 38 -9.36 0.86 -22.74
N ALA H 39 -9.99 1.92 -23.18
CA ALA H 39 -11.22 2.37 -22.55
C ALA H 39 -12.33 1.31 -22.77
N ARG H 40 -12.40 0.69 -23.96
CA ARG H 40 -13.44 -0.32 -24.16
C ARG H 40 -13.27 -1.51 -23.20
N ARG H 41 -12.03 -1.92 -22.97
CA ARG H 41 -11.79 -3.01 -22.08
C ARG H 41 -12.16 -2.57 -20.69
N GLY H 42 -12.00 -1.28 -20.42
CA GLY H 42 -12.36 -0.77 -19.11
C GLY H 42 -13.85 -0.47 -19.05
N GLY H 43 -14.60 -0.93 -20.05
CA GLY H 43 -16.05 -0.73 -20.05
C GLY H 43 -16.63 0.61 -20.45
N VAL H 44 -15.81 1.49 -21.01
CA VAL H 44 -16.29 2.81 -21.42
C VAL H 44 -16.97 2.86 -22.77
N LYS H 45 -18.14 3.50 -22.77
CA LYS H 45 -18.93 3.58 -23.97
C LYS H 45 -18.75 4.80 -24.83
N ARG H 46 -18.61 5.99 -24.24
CA ARG H 46 -18.46 7.21 -25.03
C ARG H 46 -17.30 8.02 -24.45
N ILE H 47 -16.45 8.55 -25.34
CA ILE H 47 -15.23 9.28 -24.97
C ILE H 47 -15.12 10.72 -25.46
N SER H 48 -15.01 11.68 -24.55
CA SER H 48 -14.88 13.05 -25.04
C SER H 48 -13.52 13.30 -25.74
N GLY H 49 -13.46 14.33 -26.60
CA GLY H 49 -12.23 14.64 -27.32
C GLY H 49 -10.97 14.96 -26.52
N LEU H 50 -11.11 15.49 -25.31
CA LEU H 50 -9.96 15.78 -24.47
C LEU H 50 -9.35 14.57 -23.70
N ILE H 51 -10.03 13.43 -23.66
CA ILE H 51 -9.56 12.28 -22.91
C ILE H 51 -8.21 11.86 -23.40
N TYR H 52 -8.00 11.88 -24.71
CA TYR H 52 -6.70 11.43 -25.25
C TYR H 52 -5.46 12.16 -24.78
N GLU H 53 -5.43 13.48 -24.75
CA GLU H 53 -4.22 14.11 -24.24
C GLU H 53 -4.10 13.89 -22.71
N GLU H 54 -5.22 13.71 -22.04
CA GLU H 54 -5.17 13.47 -20.60
C GLU H 54 -4.58 12.07 -20.31
N THR H 55 -5.04 11.05 -21.05
CA THR H 55 -4.51 9.73 -20.88
C THR H 55 -2.99 9.67 -21.13
N ARG H 56 -2.52 10.38 -22.15
CA ARG H 56 -1.11 10.40 -22.46
C ARG H 56 -0.35 10.99 -21.28
N GLY H 57 -0.89 12.06 -20.72
CA GLY H 57 -0.19 12.66 -19.59
C GLY H 57 -0.13 11.74 -18.40
N VAL H 58 -1.24 11.06 -18.12
CA VAL H 58 -1.28 10.15 -17.03
C VAL H 58 -0.35 8.96 -17.30
N LEU H 59 -0.29 8.45 -18.53
CA LEU H 59 0.66 7.31 -18.81
C LEU H 59 2.12 7.73 -18.66
N LYS H 60 2.46 8.96 -19.09
CA LYS H 60 3.82 9.46 -19.01
C LYS H 60 4.28 9.50 -17.59
N VAL H 61 3.44 10.01 -16.70
CA VAL H 61 3.79 10.07 -15.30
C VAL H 61 3.99 8.68 -14.71
N PHE H 62 3.02 7.80 -14.96
CA PHE H 62 3.12 6.45 -14.47
C PHE H 62 4.44 5.79 -14.92
N LEU H 63 4.77 5.82 -16.20
CA LEU H 63 6.01 5.23 -16.71
C LEU H 63 7.28 5.91 -16.16
N GLU H 64 7.24 7.23 -16.00
CA GLU H 64 8.36 7.97 -15.45
C GLU H 64 8.65 7.41 -14.04
N ASN H 65 7.59 7.30 -13.22
CA ASN H 65 7.78 6.80 -11.89
C ASN H 65 8.29 5.39 -11.90
N VAL H 66 7.77 4.54 -12.77
CA VAL H 66 8.28 3.18 -12.77
C VAL H 66 9.67 3.08 -13.36
N ILE H 67 9.89 3.72 -14.51
CA ILE H 67 11.21 3.63 -15.14
C ILE H 67 12.29 4.24 -14.20
N ARG H 68 11.92 5.30 -13.47
CA ARG H 68 12.87 5.91 -12.58
C ARG H 68 13.36 4.90 -11.53
N ASP H 69 12.44 4.16 -10.91
CA ASP H 69 12.85 3.19 -9.93
C ASP H 69 13.57 2.05 -10.61
N ALA H 70 13.08 1.59 -11.75
CA ALA H 70 13.78 0.43 -12.34
C ALA H 70 15.22 0.77 -12.64
N VAL H 71 15.45 1.94 -13.23
CA VAL H 71 16.81 2.34 -13.57
C VAL H 71 17.65 2.53 -12.32
N THR H 72 17.04 2.95 -11.20
CA THR H 72 17.82 3.07 -9.96
C THR H 72 18.36 1.66 -9.50
N TYR H 73 17.52 0.59 -9.51
CA TYR H 73 18.01 -0.80 -9.20
C TYR H 73 19.16 -1.23 -10.19
N THR H 74 18.98 -0.96 -11.48
CA THR H 74 19.96 -1.29 -12.51
C THR H 74 21.33 -0.66 -12.18
N GLU H 75 21.35 0.65 -11.96
CA GLU H 75 22.58 1.34 -11.64
C GLU H 75 23.15 0.83 -10.33
N HIS H 76 22.32 0.65 -9.32
CA HIS H 76 22.83 0.14 -8.06
C HIS H 76 23.63 -1.15 -8.24
N ALA H 77 23.19 -1.94 -9.19
CA ALA H 77 23.83 -3.20 -9.43
C ALA H 77 24.94 -3.00 -10.47
N LYS H 78 25.22 -1.75 -10.80
CA LYS H 78 26.28 -1.50 -11.77
C LYS H 78 26.11 -2.26 -13.07
N ARG H 79 24.89 -2.33 -13.58
CA ARG H 79 24.63 -2.96 -14.85
C ARG H 79 24.26 -1.83 -15.81
N LYS H 80 24.22 -2.13 -17.10
CA LYS H 80 23.83 -1.12 -18.06
C LYS H 80 22.50 -1.55 -18.69
N THR H 81 22.12 -2.79 -18.40
CA THR H 81 20.88 -3.40 -18.94
C THR H 81 19.73 -3.41 -17.90
N VAL H 82 18.62 -2.78 -18.23
CA VAL H 82 17.44 -2.76 -17.35
C VAL H 82 16.81 -4.17 -17.48
N THR H 83 16.74 -4.93 -16.40
CA THR H 83 16.16 -6.28 -16.48
C THR H 83 14.70 -6.34 -16.09
N ALA H 84 14.03 -7.38 -16.55
CA ALA H 84 12.65 -7.62 -16.17
C ALA H 84 12.61 -7.62 -14.63
N MET H 85 13.61 -8.18 -13.94
CA MET H 85 13.54 -8.12 -12.48
C MET H 85 13.54 -6.67 -11.92
N ASP H 86 14.35 -5.79 -12.52
CA ASP H 86 14.36 -4.40 -12.09
C ASP H 86 12.96 -3.81 -12.18
N VAL H 87 12.26 -4.08 -13.28
CA VAL H 87 10.93 -3.55 -13.46
C VAL H 87 9.98 -4.13 -12.41
N VAL H 88 10.12 -5.44 -12.20
CA VAL H 88 9.29 -6.13 -11.24
C VAL H 88 9.53 -5.62 -9.79
N TYR H 89 10.76 -5.31 -9.39
CA TYR H 89 10.94 -4.79 -8.07
C TYR H 89 10.44 -3.36 -8.01
N ALA H 90 10.60 -2.63 -9.10
CA ALA H 90 10.13 -1.26 -9.07
C ALA H 90 8.61 -1.26 -9.01
N LEU H 91 7.95 -2.10 -9.79
CA LEU H 91 6.48 -2.15 -9.69
C LEU H 91 6.06 -2.55 -8.27
N LYS H 92 6.82 -3.42 -7.63
CA LYS H 92 6.45 -3.85 -6.29
C LYS H 92 6.57 -2.71 -5.26
N ARG H 93 7.70 -2.03 -5.20
CA ARG H 93 7.89 -0.88 -4.30
C ARG H 93 6.72 0.10 -4.38
N GLN H 94 6.20 0.34 -5.56
CA GLN H 94 5.11 1.30 -5.64
C GLN H 94 3.76 0.64 -5.41
N GLY H 95 3.71 -0.53 -4.80
CA GLY H 95 2.41 -1.15 -4.62
C GLY H 95 1.69 -1.65 -5.87
N ARG H 96 2.41 -1.99 -6.94
CA ARG H 96 1.74 -2.49 -8.14
C ARG H 96 2.27 -3.80 -8.62
N THR H 97 2.34 -4.74 -7.70
CA THR H 97 2.82 -6.07 -7.97
C THR H 97 2.37 -6.67 -9.26
N LEU H 98 3.33 -7.30 -9.95
CA LEU H 98 3.10 -7.92 -11.26
C LEU H 98 3.49 -9.39 -11.21
N TYR H 99 2.66 -10.28 -11.73
CA TYR H 99 3.02 -11.69 -11.74
C TYR H 99 3.23 -12.08 -13.21
N GLY H 100 4.24 -12.91 -13.48
CA GLY H 100 4.46 -13.32 -14.86
C GLY H 100 5.86 -13.14 -15.42
N PHE H 101 6.71 -12.54 -14.64
CA PHE H 101 8.11 -12.28 -14.98
C PHE H 101 8.88 -12.62 -13.63
N GLY H 102 8.32 -12.20 -12.48
CA GLY H 102 8.82 -12.39 -11.10
C GLY H 102 7.76 -12.00 -10.01
N GLY H 103 7.37 -10.73 -9.88
CA GLY H 103 6.37 -10.28 -8.87
C GLY H 103 6.47 -8.87 -8.19
N ALA I 17 37.20 9.84 24.84
CA ALA I 17 36.89 8.63 24.01
C ALA I 17 36.59 9.03 22.57
N VAL I 18 35.78 10.08 22.42
CA VAL I 18 35.34 10.65 21.13
C VAL I 18 33.92 10.23 20.80
N SER I 19 33.72 8.96 20.43
CA SER I 19 32.39 8.42 20.07
C SER I 19 31.99 8.63 18.60
N ARG I 20 31.68 7.51 17.96
CA ARG I 20 31.23 7.42 16.56
C ARG I 20 30.38 8.63 16.10
N SER I 21 29.36 8.92 16.88
CA SER I 21 28.50 10.03 16.59
C SER I 21 29.21 11.40 16.59
N GLN I 22 30.03 11.65 17.63
CA GLN I 22 30.77 12.91 17.76
C GLN I 22 31.80 12.98 16.65
N ARG I 23 32.42 11.83 16.40
CA ARG I 23 33.43 11.67 15.35
C ARG I 23 32.84 11.99 13.97
N ALA I 24 31.54 11.75 13.78
CA ALA I 24 30.87 12.00 12.49
C ALA I 24 30.21 13.37 12.43
N GLY I 25 30.17 14.05 13.57
CA GLY I 25 29.59 15.39 13.60
C GLY I 25 28.09 15.37 13.64
N LEU I 26 27.55 14.32 14.25
CA LEU I 26 26.12 14.17 14.29
C LEU I 26 25.61 14.11 15.70
N GLN I 27 24.34 14.42 15.85
CA GLN I 27 23.66 14.35 17.12
C GLN I 27 23.02 12.95 17.28
N PHE I 28 22.62 12.32 16.18
CA PHE I 28 21.98 11.00 16.27
C PHE I 28 22.98 9.91 16.60
N PRO I 29 22.57 8.94 17.46
CA PRO I 29 23.36 7.81 17.94
C PRO I 29 23.83 6.73 16.97
N VAL I 30 25.00 6.99 16.38
CA VAL I 30 25.62 6.10 15.44
C VAL I 30 25.79 4.71 16.00
N GLY I 31 26.30 4.62 17.24
CA GLY I 31 26.49 3.31 17.86
C GLY I 31 25.14 2.62 17.91
N ARG I 32 24.12 3.27 18.45
CA ARG I 32 22.81 2.64 18.53
C ARG I 32 22.26 2.26 17.14
N ILE I 33 22.26 3.20 16.21
CA ILE I 33 21.78 2.87 14.86
C ILE I 33 22.49 1.61 14.31
N HIS I 34 23.80 1.51 14.51
CA HIS I 34 24.58 0.38 14.04
C HIS I 34 24.06 -0.94 14.62
N ARG I 35 23.97 -0.96 15.93
CA ARG I 35 23.44 -2.12 16.61
C ARG I 35 22.11 -2.49 15.94
N HIS I 36 21.22 -1.53 15.77
CA HIS I 36 19.90 -1.83 15.18
C HIS I 36 19.95 -2.40 13.79
N LEU I 37 20.93 -1.97 13.00
CA LEU I 37 21.08 -2.49 11.65
C LEU I 37 21.54 -3.94 11.68
N LYS I 38 22.27 -4.35 12.71
CA LYS I 38 22.74 -5.73 12.78
C LYS I 38 21.58 -6.66 13.04
N SER I 39 20.45 -6.11 13.42
CA SER I 39 19.29 -6.94 13.67
C SER I 39 18.27 -6.94 12.54
N ARG I 40 18.43 -6.06 11.56
CA ARG I 40 17.52 -6.05 10.41
C ARG I 40 18.37 -6.69 9.32
N THR I 41 18.95 -7.83 9.66
CA THR I 41 19.85 -8.50 8.74
C THR I 41 19.45 -9.90 8.23
N THR I 42 20.05 -10.25 7.09
CA THR I 42 19.85 -11.54 6.44
C THR I 42 20.60 -12.64 7.18
N SER I 43 19.89 -13.36 8.06
CA SER I 43 20.53 -14.44 8.82
C SER I 43 21.95 -14.02 9.18
N HIS I 44 22.95 -14.58 8.48
CA HIS I 44 24.33 -14.23 8.76
C HIS I 44 24.90 -13.15 7.83
N GLY I 45 24.49 -11.91 8.11
CA GLY I 45 24.92 -10.77 7.34
C GLY I 45 25.74 -9.79 8.15
N ARG I 46 26.32 -8.83 7.44
CA ARG I 46 27.18 -7.85 8.07
C ARG I 46 26.76 -6.42 7.80
N VAL I 47 27.27 -5.50 8.61
CA VAL I 47 26.98 -4.11 8.41
C VAL I 47 28.26 -3.36 8.17
N GLY I 48 28.31 -2.61 7.08
CA GLY I 48 29.49 -1.80 6.78
C GLY I 48 29.80 -0.79 7.87
N ALA I 49 31.08 -0.45 7.94
CA ALA I 49 31.60 0.49 8.91
C ALA I 49 30.86 1.81 8.89
N THR I 50 30.66 2.35 7.69
CA THR I 50 30.01 3.65 7.57
C THR I 50 28.50 3.68 7.39
N ALA I 51 27.87 2.53 7.17
CA ALA I 51 26.44 2.48 6.92
C ALA I 51 25.62 3.15 8.01
N ALA I 52 25.99 2.95 9.27
CA ALA I 52 25.30 3.54 10.40
C ALA I 52 25.48 5.06 10.36
N VAL I 53 26.67 5.51 9.99
CA VAL I 53 26.93 6.92 9.94
C VAL I 53 25.95 7.52 8.95
N TYR I 54 25.99 7.04 7.71
CA TYR I 54 25.07 7.49 6.67
C TYR I 54 23.56 7.53 7.12
N SER I 55 23.14 6.44 7.77
CA SER I 55 21.76 6.32 8.19
C SER I 55 21.49 7.37 9.23
N ALA I 56 22.41 7.50 10.18
CA ALA I 56 22.20 8.47 11.23
C ALA I 56 22.11 9.87 10.67
N ALA I 57 22.90 10.18 9.65
CA ALA I 57 22.85 11.52 9.05
C ALA I 57 21.55 11.73 8.29
N ILE I 58 21.01 10.66 7.72
CA ILE I 58 19.73 10.80 7.02
C ILE I 58 18.55 11.06 7.95
N LEU I 59 18.50 10.37 9.09
CA LEU I 59 17.46 10.55 10.09
C LEU I 59 17.61 11.95 10.70
N GLU I 60 18.86 12.34 11.03
CA GLU I 60 19.11 13.67 11.61
C GLU I 60 18.61 14.73 10.64
N TYR I 61 19.03 14.65 9.40
CA TYR I 61 18.53 15.59 8.44
C TYR I 61 16.98 15.74 8.40
N LEU I 62 16.23 14.62 8.23
CA LEU I 62 14.74 14.69 8.14
C LEU I 62 14.08 15.25 9.42
N THR I 63 14.65 14.84 10.56
CA THR I 63 14.18 15.34 11.84
C THR I 63 14.36 16.88 11.85
N ALA I 64 15.54 17.34 11.44
CA ALA I 64 15.77 18.79 11.36
C ALA I 64 14.75 19.41 10.40
N GLU I 65 14.58 18.84 9.22
CA GLU I 65 13.62 19.42 8.26
C GLU I 65 12.20 19.60 8.82
N VAL I 66 11.70 18.64 9.60
CA VAL I 66 10.35 18.74 10.12
C VAL I 66 10.31 19.72 11.31
N LEU I 67 11.31 19.68 12.19
CA LEU I 67 11.32 20.58 13.33
C LEU I 67 11.42 22.03 12.87
N GLU I 68 12.20 22.27 11.82
CA GLU I 68 12.34 23.58 11.24
C GLU I 68 10.99 24.13 10.74
N LEU I 69 10.19 23.33 10.03
CA LEU I 69 8.90 23.80 9.55
C LEU I 69 7.84 23.85 10.66
N ALA I 70 7.93 22.92 11.62
CA ALA I 70 6.96 22.84 12.71
C ALA I 70 7.28 24.00 13.61
N GLY I 71 8.58 24.25 13.78
CA GLY I 71 9.05 25.38 14.57
C GLY I 71 8.60 26.72 13.99
N ASN I 72 8.58 26.85 12.67
CA ASN I 72 8.11 28.11 12.08
C ASN I 72 6.60 28.22 12.31
N ALA I 73 5.89 27.11 12.13
CA ALA I 73 4.45 27.10 12.30
C ALA I 73 4.04 27.53 13.67
N SER I 74 4.86 27.24 14.68
CA SER I 74 4.48 27.66 16.02
C SER I 74 4.85 29.11 16.30
N LYS I 75 5.96 29.59 15.75
CA LYS I 75 6.37 31.00 15.93
C LYS I 75 5.36 31.92 15.23
N ASP I 76 4.83 31.48 14.09
CA ASP I 76 3.88 32.33 13.39
C ASP I 76 2.55 32.27 14.09
N LEU I 77 2.52 31.64 15.26
CA LEU I 77 1.29 31.56 16.05
C LEU I 77 1.58 32.17 17.42
N LYS I 78 2.80 32.69 17.54
CA LYS I 78 3.25 33.35 18.76
C LYS I 78 3.06 32.47 19.99
N VAL I 79 3.70 31.31 19.91
CA VAL I 79 3.65 30.30 20.93
C VAL I 79 5.06 29.66 21.02
N LYS I 80 5.40 29.02 22.13
CA LYS I 80 6.76 28.51 22.29
C LYS I 80 7.01 27.02 22.06
N ARG I 81 5.95 26.25 22.18
CA ARG I 81 6.09 24.82 22.04
C ARG I 81 5.47 24.25 20.81
N ILE I 82 6.22 23.41 20.11
CA ILE I 82 5.72 22.70 18.97
C ILE I 82 4.71 21.63 19.45
N THR I 83 3.52 21.65 18.85
CA THR I 83 2.47 20.66 19.16
C THR I 83 2.16 19.71 17.95
N PRO I 84 1.25 18.76 18.16
CA PRO I 84 0.91 17.85 17.06
C PRO I 84 0.27 18.67 15.92
N ARG I 85 -0.52 19.66 16.30
CA ARG I 85 -1.16 20.50 15.33
C ARG I 85 -0.07 21.23 14.54
N HIS I 86 1.00 21.66 15.21
CA HIS I 86 2.02 22.35 14.47
C HIS I 86 2.67 21.37 13.51
N LEU I 87 2.94 20.14 13.97
CA LEU I 87 3.52 19.14 13.10
C LEU I 87 2.54 18.88 11.93
N GLN I 88 1.25 18.74 12.17
CA GLN I 88 0.32 18.55 11.04
C GLN I 88 0.37 19.74 10.09
N LEU I 89 0.43 20.97 10.60
CA LEU I 89 0.48 22.13 9.71
C LEU I 89 1.70 22.12 8.82
N ALA I 90 2.87 21.86 9.41
CA ALA I 90 4.12 21.81 8.67
C ALA I 90 4.20 20.69 7.61
N ILE I 91 3.71 19.50 7.97
CA ILE I 91 3.77 18.40 7.05
C ILE I 91 2.79 18.51 5.89
N ARG I 92 1.48 18.68 6.15
CA ARG I 92 0.56 18.78 5.02
C ARG I 92 0.83 20.03 4.21
N GLY I 93 1.49 21.01 4.79
CA GLY I 93 1.77 22.23 4.06
C GLY I 93 2.96 22.19 3.11
N ASP I 94 3.83 21.19 3.20
CA ASP I 94 5.00 21.05 2.33
C ASP I 94 4.77 19.88 1.37
N GLU I 95 4.84 20.13 0.06
CA GLU I 95 4.60 19.06 -0.91
C GLU I 95 5.47 17.80 -0.65
N GLU I 96 6.78 17.98 -0.48
CA GLU I 96 7.62 16.81 -0.28
C GLU I 96 7.42 16.03 1.06
N LEU I 97 7.31 16.72 2.20
CA LEU I 97 7.02 15.98 3.43
C LEU I 97 5.63 15.31 3.39
N ASP I 98 4.63 16.02 2.87
CA ASP I 98 3.30 15.49 2.77
C ASP I 98 3.34 14.17 2.06
N SER I 99 4.06 14.16 0.95
CA SER I 99 4.23 12.96 0.16
C SER I 99 4.95 11.83 0.96
N LEU I 100 5.98 12.18 1.70
CA LEU I 100 6.74 11.20 2.45
C LEU I 100 6.08 10.67 3.72
N ILE I 101 5.28 11.50 4.38
CA ILE I 101 4.66 11.10 5.62
C ILE I 101 3.17 10.86 5.49
N LYS I 102 2.80 9.62 5.24
CA LYS I 102 1.41 9.28 5.09
C LYS I 102 0.74 8.93 6.40
N ALA I 103 1.51 8.74 7.45
CA ALA I 103 0.91 8.41 8.73
C ALA I 103 -0.12 9.46 9.24
N THR I 104 -1.06 9.02 10.04
CA THR I 104 -2.02 9.89 10.68
C THR I 104 -1.23 10.40 11.88
N ILE I 105 -1.31 11.72 12.10
CA ILE I 105 -0.64 12.39 13.20
C ILE I 105 -1.72 12.54 14.25
N ALA I 106 -1.69 11.79 15.33
CA ALA I 106 -2.74 11.95 16.33
C ALA I 106 -2.82 13.38 16.89
N GLY I 107 -4.03 13.91 16.93
CA GLY I 107 -4.24 15.22 17.46
C GLY I 107 -3.90 16.37 16.52
N GLY I 108 -3.61 16.08 15.27
CA GLY I 108 -3.30 17.15 14.33
C GLY I 108 -4.42 17.86 13.55
N GLY I 109 -5.59 17.25 13.44
CA GLY I 109 -6.65 17.86 12.66
C GLY I 109 -6.29 17.92 11.17
N VAL I 110 -6.99 18.78 10.44
CA VAL I 110 -6.78 18.97 9.02
C VAL I 110 -6.41 20.42 8.69
N ILE I 111 -5.89 20.65 7.48
CA ILE I 111 -5.62 22.01 7.01
C ILE I 111 -7.01 22.72 6.72
N PRO I 112 -7.24 23.95 7.22
CA PRO I 112 -8.56 24.49 6.88
C PRO I 112 -8.81 24.63 5.39
N HIS I 113 -10.03 24.29 4.98
CA HIS I 113 -10.39 24.43 3.58
C HIS I 113 -11.84 24.19 3.17
N ILE I 114 -12.41 25.20 2.54
CA ILE I 114 -13.79 25.11 2.08
C ILE I 114 -13.87 25.21 0.55
N HIS I 115 -14.52 24.24 -0.08
CA HIS I 115 -14.66 24.25 -1.54
C HIS I 115 -15.39 25.52 -1.96
N LYS I 116 -14.81 26.17 -2.97
CA LYS I 116 -15.34 27.39 -3.55
C LYS I 116 -16.86 27.36 -3.82
N SER I 117 -17.39 26.21 -4.25
CA SER I 117 -18.81 26.13 -4.56
C SER I 117 -19.71 26.04 -3.36
N LEU I 118 -19.17 25.78 -2.17
CA LEU I 118 -19.99 25.70 -0.95
C LEU I 118 -20.01 27.09 -0.33
N ILE I 119 -18.89 27.80 -0.43
CA ILE I 119 -18.78 29.17 0.08
C ILE I 119 -19.74 29.88 -0.87
N GLY I 120 -20.62 30.76 -0.39
CA GLY I 120 -21.49 31.32 -1.40
C GLY I 120 -22.28 32.60 -1.31
N LYS I 121 -23.60 32.42 -1.30
CA LYS I 121 -24.60 33.50 -1.32
C LYS I 121 -24.54 33.89 -2.81
N LYS I 122 -23.42 33.49 -3.44
CA LYS I 122 -23.10 33.70 -4.85
C LYS I 122 -22.91 35.18 -5.17
N GLY I 123 -23.92 35.79 -5.78
CA GLY I 123 -23.83 37.20 -6.11
C GLY I 123 -23.56 38.05 -4.88
N LYS J 32 12.54 -2.28 36.35
CA LYS J 32 11.68 -1.87 35.18
C LYS J 32 12.52 -1.71 33.89
N THR J 33 12.25 -2.57 32.90
CA THR J 33 12.97 -2.59 31.64
C THR J 33 12.94 -1.32 30.76
N ARG J 34 14.15 -0.90 30.37
CA ARG J 34 14.42 0.27 29.54
C ARG J 34 13.80 0.32 28.14
N LYS J 35 13.03 1.36 27.87
CA LYS J 35 12.48 1.55 26.52
C LYS J 35 13.38 2.61 25.86
N GLU J 36 14.09 2.23 24.82
CA GLU J 36 14.91 3.21 24.12
C GLU J 36 13.99 4.15 23.35
N SER J 37 14.45 5.38 23.15
CA SER J 37 13.66 6.38 22.43
C SER J 37 14.61 7.31 21.72
N TYR J 38 14.12 8.08 20.78
CA TYR J 38 15.01 9.00 20.08
C TYR J 38 14.81 10.38 20.64
N ALA J 39 13.90 10.51 21.59
CA ALA J 39 13.61 11.82 22.21
C ALA J 39 14.79 12.74 22.54
N ILE J 40 15.80 12.28 23.27
CA ILE J 40 16.86 13.26 23.55
C ILE J 40 17.60 13.70 22.30
N TYR J 41 17.70 12.85 21.29
CA TYR J 41 18.39 13.29 20.10
C TYR J 41 17.48 14.17 19.30
N VAL J 42 16.18 13.94 19.38
CA VAL J 42 15.27 14.82 18.63
C VAL J 42 15.37 16.22 19.26
N TYR J 43 15.40 16.27 20.61
CA TYR J 43 15.51 17.52 21.37
C TYR J 43 16.80 18.27 21.05
N LYS J 44 17.92 17.55 20.90
CA LYS J 44 19.16 18.23 20.56
C LYS J 44 19.01 18.84 19.19
N VAL J 45 18.51 18.08 18.22
CA VAL J 45 18.36 18.63 16.87
C VAL J 45 17.43 19.80 16.92
N LEU J 46 16.42 19.72 17.77
CA LEU J 46 15.49 20.84 17.89
C LEU J 46 16.24 22.12 18.28
N LYS J 47 17.09 22.03 19.32
CA LYS J 47 17.88 23.17 19.83
C LYS J 47 18.77 23.86 18.81
N GLN J 48 19.41 23.10 17.92
CA GLN J 48 20.20 23.76 16.88
C GLN J 48 19.26 24.47 15.88
N VAL J 49 18.04 24.00 15.76
CA VAL J 49 17.15 24.55 14.77
C VAL J 49 16.33 25.73 15.20
N HIS J 50 15.89 25.74 16.44
CA HIS J 50 15.09 26.84 16.97
C HIS J 50 15.48 26.80 18.43
N PRO J 51 16.67 27.35 18.75
CA PRO J 51 17.23 27.38 20.11
C PRO J 51 16.27 27.81 21.18
N ASP J 52 15.28 28.63 20.86
CA ASP J 52 14.35 29.06 21.90
C ASP J 52 12.95 28.39 21.88
N THR J 53 12.79 27.33 21.10
CA THR J 53 11.50 26.62 21.00
C THR J 53 11.46 25.34 21.81
N GLY J 54 10.28 24.96 22.28
CA GLY J 54 10.13 23.74 23.04
C GLY J 54 9.36 22.70 22.24
N ILE J 55 8.91 21.62 22.87
CA ILE J 55 8.15 20.59 22.17
C ILE J 55 7.35 19.82 23.19
N SER J 56 6.05 19.70 22.95
CA SER J 56 5.19 19.01 23.89
C SER J 56 5.39 17.50 23.89
N SER J 57 4.96 16.86 24.96
CA SER J 57 5.08 15.42 25.09
C SER J 57 4.45 14.64 23.92
N LYS J 58 3.21 14.99 23.60
CA LYS J 58 2.52 14.34 22.52
C LYS J 58 3.24 14.58 21.22
N ALA J 59 3.87 15.75 21.07
CA ALA J 59 4.61 16.03 19.85
C ALA J 59 5.89 15.20 19.80
N MET J 60 6.53 15.00 20.93
CA MET J 60 7.76 14.22 20.95
C MET J 60 7.45 12.75 20.60
N SER J 61 6.30 12.29 21.04
CA SER J 61 5.93 10.91 20.80
C SER J 61 5.77 10.76 19.27
N ILE J 62 5.16 11.76 18.64
CA ILE J 62 4.99 11.70 17.20
C ILE J 62 6.33 11.69 16.53
N MET J 63 7.24 12.59 16.88
CA MET J 63 8.57 12.58 16.26
C MET J 63 9.28 11.23 16.42
N ASN J 64 9.24 10.64 17.61
CA ASN J 64 9.84 9.35 17.81
C ASN J 64 9.20 8.28 16.86
N SER J 65 7.88 8.29 16.70
CA SER J 65 7.25 7.35 15.78
C SER J 65 7.80 7.62 14.38
N PHE J 66 7.90 8.91 14.01
CA PHE J 66 8.44 9.26 12.70
C PHE J 66 9.85 8.79 12.50
N VAL J 67 10.71 8.94 13.49
CA VAL J 67 12.05 8.49 13.28
C VAL J 67 12.11 6.97 13.16
N ASN J 68 11.38 6.24 14.01
CA ASN J 68 11.38 4.78 13.92
C ASN J 68 10.83 4.28 12.58
N ASP J 69 9.74 4.89 12.13
CA ASP J 69 9.19 4.54 10.86
C ASP J 69 10.24 4.75 9.74
N VAL J 70 10.88 5.93 9.64
CA VAL J 70 11.81 6.11 8.54
C VAL J 70 13.01 5.18 8.63
N PHE J 71 13.52 4.90 9.81
CA PHE J 71 14.66 4.02 9.85
C PHE J 71 14.21 2.64 9.36
N GLU J 72 13.04 2.16 9.79
CA GLU J 72 12.58 0.87 9.33
C GLU J 72 12.43 0.82 7.79
N ARG J 73 11.74 1.79 7.18
CA ARG J 73 11.62 1.72 5.72
C ARG J 73 13.03 1.70 5.06
N ILE J 74 13.96 2.46 5.60
CA ILE J 74 15.28 2.48 5.02
C ILE J 74 16.09 1.20 5.21
N ALA J 75 16.13 0.65 6.41
CA ALA J 75 16.92 -0.56 6.57
C ALA J 75 16.28 -1.67 5.76
N GLY J 76 14.96 -1.68 5.74
CA GLY J 76 14.26 -2.70 4.95
C GLY J 76 14.62 -2.61 3.48
N GLU J 77 14.52 -1.44 2.85
CA GLU J 77 14.89 -1.41 1.45
C GLU J 77 16.35 -1.78 1.27
N ALA J 78 17.22 -1.27 2.13
CA ALA J 78 18.62 -1.55 1.98
C ALA J 78 18.90 -3.02 2.10
N SER J 79 18.20 -3.74 2.95
CA SER J 79 18.55 -5.16 2.97
C SER J 79 17.91 -5.86 1.75
N ARG J 80 16.75 -5.40 1.28
CA ARG J 80 16.23 -6.00 0.07
C ARG J 80 17.29 -5.74 -1.04
N LEU J 81 17.79 -4.50 -1.16
CA LEU J 81 18.83 -4.25 -2.17
C LEU J 81 19.96 -5.27 -2.07
N ALA J 82 20.52 -5.43 -0.87
CA ALA J 82 21.60 -6.39 -0.64
C ALA J 82 21.22 -7.80 -1.17
N HIS J 83 20.05 -8.27 -0.78
CA HIS J 83 19.58 -9.58 -1.23
C HIS J 83 19.42 -9.67 -2.75
N TYR J 84 18.84 -8.65 -3.40
CA TYR J 84 18.69 -8.71 -4.86
C TYR J 84 20.02 -8.93 -5.48
N ASN J 85 21.04 -8.31 -4.92
CA ASN J 85 22.35 -8.46 -5.50
C ASN J 85 23.22 -9.56 -4.92
N LYS J 86 22.59 -10.59 -4.37
CA LYS J 86 23.37 -11.70 -3.85
C LYS J 86 24.56 -11.24 -2.97
N ARG J 87 24.33 -10.29 -2.06
CA ARG J 87 25.36 -9.78 -1.18
C ARG J 87 24.88 -9.87 0.26
N SER J 88 25.82 -9.85 1.18
CA SER J 88 25.53 -9.99 2.61
C SER J 88 25.78 -8.74 3.43
N THR J 89 26.48 -7.76 2.89
CA THR J 89 26.78 -6.55 3.63
C THR J 89 25.90 -5.35 3.29
N ILE J 90 25.37 -4.71 4.32
CA ILE J 90 24.60 -3.51 4.13
C ILE J 90 25.67 -2.42 4.25
N THR J 91 26.03 -1.82 3.13
CA THR J 91 27.03 -0.75 3.14
C THR J 91 26.34 0.59 2.95
N SER J 92 27.09 1.66 3.07
CA SER J 92 26.49 2.99 2.93
C SER J 92 25.94 3.15 1.48
N ARG J 93 26.44 2.36 0.56
CA ARG J 93 25.95 2.45 -0.79
C ARG J 93 24.46 1.94 -0.92
N GLU J 94 24.07 0.95 -0.13
CA GLU J 94 22.70 0.46 -0.14
C GLU J 94 21.82 1.51 0.54
N ILE J 95 22.33 2.10 1.64
CA ILE J 95 21.56 3.06 2.38
C ILE J 95 21.25 4.19 1.44
N GLN J 96 22.24 4.49 0.60
CA GLN J 96 22.11 5.58 -0.34
C GLN J 96 21.06 5.35 -1.46
N THR J 97 21.08 4.16 -2.09
CA THR J 97 20.11 3.85 -3.13
C THR J 97 18.72 3.80 -2.45
N ALA J 98 18.64 3.21 -1.25
CA ALA J 98 17.37 3.16 -0.54
C ALA J 98 16.80 4.59 -0.33
N VAL J 99 17.66 5.57 -0.02
CA VAL J 99 17.19 6.94 0.18
C VAL J 99 16.66 7.48 -1.19
N ARG J 100 17.37 7.18 -2.27
CA ARG J 100 16.88 7.62 -3.56
C ARG J 100 15.55 6.95 -3.91
N LEU J 101 15.30 5.75 -3.43
CA LEU J 101 14.04 5.09 -3.71
C LEU J 101 12.93 5.58 -2.79
N LEU J 102 13.25 6.00 -1.57
CA LEU J 102 12.23 6.40 -0.60
C LEU J 102 11.84 7.86 -0.49
N LEU J 103 12.75 8.77 -0.78
CA LEU J 103 12.48 10.18 -0.62
C LEU J 103 12.22 10.86 -1.93
N PRO J 104 11.36 11.88 -1.90
CA PRO J 104 10.96 12.69 -3.05
C PRO J 104 12.08 13.68 -3.37
N GLY J 105 12.44 13.74 -4.65
CA GLY J 105 13.46 14.62 -5.17
C GLY J 105 14.34 15.49 -4.31
N GLU J 106 13.87 16.66 -3.89
CA GLU J 106 14.71 17.56 -3.11
C GLU J 106 15.17 16.97 -1.78
N LEU J 107 14.22 16.40 -1.08
CA LEU J 107 14.51 15.78 0.19
C LEU J 107 15.68 14.81 -0.07
N ALA J 108 15.59 14.00 -1.13
CA ALA J 108 16.66 13.05 -1.40
C ALA J 108 17.97 13.73 -1.72
N LYS J 109 17.92 14.76 -2.57
CA LYS J 109 19.13 15.53 -2.94
C LYS J 109 19.91 15.91 -1.66
N HIS J 110 19.29 16.69 -0.78
CA HIS J 110 19.92 17.10 0.48
C HIS J 110 20.30 15.96 1.40
N ALA J 111 19.38 14.99 1.58
CA ALA J 111 19.68 13.87 2.46
C ALA J 111 20.95 13.17 2.01
N VAL J 112 21.07 12.84 0.73
CA VAL J 112 22.26 12.17 0.19
C VAL J 112 23.46 13.02 0.52
N SER J 113 23.30 14.29 0.21
CA SER J 113 24.34 15.26 0.47
C SER J 113 24.69 15.19 2.00
N GLU J 114 23.72 15.19 2.90
CA GLU J 114 24.05 15.09 4.32
C GLU J 114 24.76 13.78 4.66
N GLY J 115 24.41 12.73 3.92
CA GLY J 115 25.00 11.44 4.17
C GLY J 115 26.44 11.39 3.73
N THR J 116 26.73 11.79 2.50
CA THR J 116 28.10 11.72 2.02
C THR J 116 29.01 12.54 2.97
N LYS J 117 28.49 13.69 3.40
CA LYS J 117 29.19 14.60 4.30
C LYS J 117 29.51 14.02 5.70
N ALA J 118 28.65 13.18 6.25
CA ALA J 118 28.96 12.59 7.54
C ALA J 118 29.99 11.50 7.34
N VAL J 119 29.81 10.69 6.30
CA VAL J 119 30.76 9.61 6.10
C VAL J 119 32.15 10.18 5.90
N THR J 120 32.28 11.14 4.99
CA THR J 120 33.58 11.77 4.76
C THR J 120 34.21 12.21 6.10
N LYS J 121 33.57 13.14 6.80
CA LYS J 121 34.07 13.62 8.09
C LYS J 121 34.40 12.48 9.05
N TYR J 122 33.72 11.36 8.93
CA TYR J 122 34.02 10.26 9.84
C TYR J 122 35.21 9.42 9.31
N THR J 123 35.28 9.20 7.99
CA THR J 123 36.36 8.42 7.38
C THR J 123 37.71 9.05 7.72
N SER J 124 37.73 10.37 7.69
CA SER J 124 38.94 11.14 7.97
C SER J 124 38.99 11.49 9.46
N ALA J 125 39.50 10.56 10.26
CA ALA J 125 39.59 10.79 11.69
C ALA J 125 40.50 9.78 12.39
N LYS J 126 40.53 9.85 13.72
CA LYS J 126 41.33 8.98 14.59
C LYS J 126 40.52 8.48 15.81
MN MN K . 18.98 -18.05 28.95
MN MN L . -31.15 23.75 -7.91
MN MN M . 33.08 -7.46 -23.98
MN MN N . 23.21 10.57 32.26
MN MN O . -6.62 31.61 23.97
MN MN P . -17.50 40.25 25.47
MN MN Q . -2.53 7.26 -44.02
MN MN R . 34.97 -16.21 0.10
MN MN S . -29.71 14.28 -22.52
MN MN T . -3.13 -12.13 40.24
MN MN U . 15.45 -35.94 -11.11
MN MN V . -10.23 -20.50 -31.80
MN MN W . -22.39 -2.32 -13.19
MN MN X . 15.53 12.88 -24.58
MN MN Y . -11.82 23.12 -2.04
#